data_5K7G
#
_entry.id   5K7G
#
_cell.length_a   137.214
_cell.length_b   140.995
_cell.length_c   86.845
_cell.angle_alpha   90.000
_cell.angle_beta   126.190
_cell.angle_gamma   90.000
#
_symmetry.space_group_name_H-M   'C 1 2 1'
#
loop_
_entity.id
_entity.type
_entity.pdbx_description
1 polymer 'Interleukin-1 receptor-associated kinase 4'
2 non-polymer 'SULFATE ION'
3 non-polymer (3~{a}~{S},7~{a}~{R})-1-methyl-5-[4-[[5-(oxan-4-yl)-7~{H}-pyrrolo[2,3-d]pyrimidin-4-yl]amino]cyclohexyl]-3,3~{a},4,6,7,7~{a}-hexahydropyrrolo[3,2-c]pyridin-2-one
4 water water
#
_entity_poly.entity_id   1
_entity_poly.type   'polypeptide(L)'
_entity_poly.pdbx_seq_one_letter_code
;VSDTRFHSFSFYELKNVTNNFDERPISVGGNKMGEGGFGVVYKGYVNNTTVAVKKLAAMVDITTEELKQQFDQEIKVMAK
CQHENLVELLGFSSDGDDLCLVYVYMPNGSLLDRLSCLDGTPPLSWHMRCKIAQGAANGINFLHENHHIHRDIKSANILL
DEAFTAKISDFGLARASEKFAQTVM(TPO)(SEP)RIVGTTAYMAPEALRGEITPKSDIYSFGVVLLEIITGLPAVDEHR
EPQLLLDIKEEIEDEEKTIEDYIDKKMNDADSTSVEAMYSVASQCLHEKKNKRPDIKKVQQLLQEMTAS
;
_entity_poly.pdbx_strand_id   A,B,C,D
#
loop_
_chem_comp.id
_chem_comp.type
_chem_comp.name
_chem_comp.formula
6R0 non-polymer (3~{a}~{S},7~{a}~{R})-1-methyl-5-[4-[[5-(oxan-4-yl)-7~{H}-pyrrolo[2,3-d]pyrimidin-4-yl]amino]cyclohexyl]-3,3~{a},4,6,7,7~{a}-hexahydropyrrolo[3,2-c]pyridin-2-one 'C25 H36 N6 O2'
SO4 non-polymer 'SULFATE ION' 'O4 S -2'
#
# COMPACT_ATOMS: atom_id res chain seq x y z
N ARG A 5 11.70 -22.84 38.05
CA ARG A 5 11.62 -24.23 37.60
C ARG A 5 10.99 -24.36 36.21
N PHE A 6 11.26 -25.50 35.54
CA PHE A 6 10.76 -25.78 34.19
C PHE A 6 9.79 -26.96 34.19
N HIS A 7 8.83 -26.96 33.25
CA HIS A 7 7.86 -28.04 33.13
C HIS A 7 8.46 -29.29 32.50
N SER A 8 8.24 -30.44 33.12
CA SER A 8 8.72 -31.72 32.60
C SER A 8 7.65 -32.32 31.70
N PHE A 9 7.89 -32.31 30.37
CA PHE A 9 6.96 -32.86 29.39
C PHE A 9 7.35 -34.27 29.03
N SER A 10 6.37 -35.12 28.76
CA SER A 10 6.62 -36.47 28.26
C SER A 10 6.69 -36.30 26.73
N PHE A 11 7.46 -37.16 26.05
CA PHE A 11 7.65 -37.08 24.60
C PHE A 11 6.34 -37.17 23.81
N TYR A 12 5.33 -37.94 24.32
CA TYR A 12 4.02 -38.07 23.69
C TYR A 12 3.25 -36.74 23.63
N GLU A 13 3.41 -35.89 24.68
CA GLU A 13 2.76 -34.58 24.76
C GLU A 13 3.25 -33.66 23.65
N LEU A 14 4.57 -33.63 23.43
CA LEU A 14 5.20 -32.79 22.40
C LEU A 14 4.97 -33.34 20.98
N LYS A 15 4.81 -34.68 20.88
CA LYS A 15 4.50 -35.39 19.65
C LYS A 15 3.14 -34.91 19.12
N ASN A 16 2.10 -34.89 19.97
CA ASN A 16 0.75 -34.44 19.61
C ASN A 16 0.62 -32.94 19.30
N VAL A 17 1.18 -32.06 20.16
CA VAL A 17 1.07 -30.60 20.03
C VAL A 17 1.79 -30.06 18.77
N THR A 18 2.77 -30.82 18.23
CA THR A 18 3.50 -30.46 17.01
C THR A 18 2.90 -31.19 15.78
N ASN A 19 1.68 -31.80 15.95
CA ASN A 19 0.95 -32.55 14.91
C ASN A 19 1.86 -33.70 14.38
N ASN A 20 2.36 -34.53 15.31
CA ASN A 20 3.27 -35.67 15.10
C ASN A 20 4.58 -35.23 14.42
N PHE A 21 5.20 -34.14 14.95
CA PHE A 21 6.42 -33.49 14.46
C PHE A 21 6.36 -33.28 12.94
N ASP A 22 5.30 -32.58 12.48
CA ASP A 22 5.03 -32.31 11.07
C ASP A 22 6.20 -31.51 10.48
N GLU A 23 7.09 -32.23 9.77
CA GLU A 23 8.32 -31.72 9.16
C GLU A 23 8.11 -30.77 7.98
N ARG A 24 6.85 -30.60 7.50
CA ARG A 24 6.54 -29.66 6.43
C ARG A 24 6.66 -28.24 6.96
N PRO A 25 7.10 -27.24 6.16
CA PRO A 25 7.17 -25.85 6.69
C PRO A 25 5.79 -25.27 7.01
N ILE A 26 5.75 -24.23 7.86
CA ILE A 26 4.54 -23.51 8.29
C ILE A 26 3.72 -23.05 7.07
N SER A 27 4.41 -22.51 6.03
CA SER A 27 3.86 -22.01 4.77
C SER A 27 3.05 -23.06 3.97
N VAL A 28 3.40 -24.36 4.12
CA VAL A 28 2.72 -25.47 3.42
C VAL A 28 1.68 -26.17 4.37
N GLY A 29 1.48 -25.61 5.56
CA GLY A 29 0.53 -26.10 6.55
C GLY A 29 1.09 -27.08 7.57
N GLY A 30 2.43 -27.14 7.65
CA GLY A 30 3.12 -28.02 8.58
C GLY A 30 3.46 -27.32 9.87
N ASN A 31 4.40 -27.92 10.64
CA ASN A 31 4.83 -27.38 11.93
C ASN A 31 6.30 -26.96 11.97
N LYS A 32 7.10 -27.31 10.94
CA LYS A 32 8.52 -26.95 10.89
C LYS A 32 8.74 -25.45 10.70
N MET A 33 9.48 -24.85 11.64
CA MET A 33 9.84 -23.43 11.61
C MET A 33 11.22 -23.23 11.00
N GLY A 34 12.08 -24.21 11.19
CA GLY A 34 13.45 -24.21 10.69
C GLY A 34 14.30 -25.30 11.30
N GLU A 35 15.59 -25.33 10.93
CA GLU A 35 16.54 -26.32 11.43
C GLU A 35 17.96 -25.78 11.54
N GLY A 36 18.70 -26.35 12.49
CA GLY A 36 20.09 -26.02 12.76
C GLY A 36 20.93 -27.28 12.75
N GLY A 37 22.19 -27.16 13.17
CA GLY A 37 23.11 -28.28 13.22
C GLY A 37 22.81 -29.26 14.35
N PHE A 38 22.06 -28.78 15.38
CA PHE A 38 21.72 -29.58 16.56
C PHE A 38 20.24 -30.00 16.64
N GLY A 39 19.40 -29.58 15.70
CA GLY A 39 17.99 -29.98 15.69
C GLY A 39 17.02 -29.16 14.86
N VAL A 40 15.78 -29.69 14.74
CA VAL A 40 14.66 -29.10 13.99
C VAL A 40 13.74 -28.38 14.99
N VAL A 41 13.27 -27.18 14.61
CA VAL A 41 12.38 -26.34 15.44
C VAL A 41 10.95 -26.46 14.91
N TYR A 42 10.01 -26.78 15.80
CA TYR A 42 8.60 -26.96 15.46
C TYR A 42 7.71 -26.03 16.25
N LYS A 43 6.62 -25.58 15.62
CA LYS A 43 5.60 -24.74 16.26
C LYS A 43 4.65 -25.71 16.96
N GLY A 44 4.33 -25.40 18.21
CA GLY A 44 3.43 -26.21 19.03
C GLY A 44 2.37 -25.38 19.70
N TYR A 45 1.28 -26.03 20.13
CA TYR A 45 0.18 -25.37 20.82
C TYR A 45 -0.16 -26.12 22.10
N VAL A 46 0.07 -25.47 23.25
CA VAL A 46 -0.23 -26.03 24.58
C VAL A 46 -1.23 -25.11 25.28
N ASN A 47 -2.47 -25.61 25.46
CA ASN A 47 -3.57 -24.89 26.13
C ASN A 47 -3.78 -23.46 25.57
N ASN A 48 -4.10 -23.39 24.25
CA ASN A 48 -4.34 -22.18 23.46
C ASN A 48 -3.11 -21.23 23.36
N THR A 49 -1.94 -21.64 23.94
CA THR A 49 -0.68 -20.89 23.93
C THR A 49 0.30 -21.51 22.92
N THR A 50 0.95 -20.67 22.10
CA THR A 50 1.90 -21.09 21.08
C THR A 50 3.28 -21.26 21.70
N VAL A 51 3.98 -22.34 21.33
CA VAL A 51 5.33 -22.64 21.82
C VAL A 51 6.27 -23.02 20.68
N ALA A 52 7.58 -22.97 20.94
CA ALA A 52 8.64 -23.40 20.03
C ALA A 52 9.24 -24.66 20.64
N VAL A 53 9.19 -25.78 19.91
CA VAL A 53 9.74 -27.06 20.38
C VAL A 53 10.95 -27.44 19.52
N LYS A 54 12.12 -27.53 20.14
CA LYS A 54 13.33 -27.90 19.44
C LYS A 54 13.60 -29.37 19.71
N LYS A 55 13.45 -30.23 18.70
CA LYS A 55 13.75 -31.65 18.84
C LYS A 55 15.21 -31.82 18.44
N LEU A 56 16.06 -32.18 19.42
CA LEU A 56 17.50 -32.35 19.20
C LEU A 56 17.82 -33.58 18.36
N ALA A 57 18.66 -33.38 17.33
CA ALA A 57 19.10 -34.41 16.39
C ALA A 57 20.55 -34.19 15.96
N LEU A 67 25.40 -34.05 22.14
CA LEU A 67 24.03 -33.57 22.00
C LEU A 67 23.33 -33.50 23.36
N LYS A 68 23.64 -34.47 24.26
CA LYS A 68 23.08 -34.51 25.61
C LYS A 68 23.71 -33.41 26.48
N GLN A 69 25.00 -33.11 26.27
CA GLN A 69 25.72 -32.06 27.01
C GLN A 69 25.14 -30.68 26.66
N GLN A 70 24.78 -30.45 25.39
CA GLN A 70 24.19 -29.20 24.92
C GLN A 70 22.76 -29.03 25.48
N PHE A 71 22.02 -30.15 25.68
CA PHE A 71 20.69 -30.21 26.28
C PHE A 71 20.79 -29.79 27.75
N ASP A 72 21.74 -30.42 28.50
CA ASP A 72 22.00 -30.15 29.91
C ASP A 72 22.51 -28.73 30.14
N GLN A 73 23.42 -28.25 29.26
CA GLN A 73 23.98 -26.91 29.33
C GLN A 73 22.91 -25.84 29.13
N GLU A 74 22.00 -26.05 28.16
CA GLU A 74 20.90 -25.13 27.89
C GLU A 74 20.00 -24.98 29.12
N ILE A 75 19.60 -26.10 29.75
CA ILE A 75 18.77 -26.14 30.96
C ILE A 75 19.50 -25.46 32.14
N LYS A 76 20.80 -25.77 32.34
CA LYS A 76 21.65 -25.21 33.41
C LYS A 76 21.76 -23.69 33.32
N VAL A 77 22.09 -23.16 32.13
CA VAL A 77 22.22 -21.72 31.87
C VAL A 77 20.87 -21.01 32.03
N MET A 78 19.78 -21.59 31.47
CA MET A 78 18.42 -21.05 31.54
C MET A 78 17.90 -20.94 32.97
N ALA A 79 18.22 -21.93 33.84
CA ALA A 79 17.82 -21.96 35.25
C ALA A 79 18.52 -20.89 36.07
N LYS A 80 19.77 -20.58 35.70
CA LYS A 80 20.61 -19.58 36.37
C LYS A 80 20.36 -18.16 35.85
N CYS A 81 20.14 -18.02 34.53
CA CYS A 81 20.00 -16.73 33.87
C CYS A 81 18.58 -16.44 33.33
N GLN A 82 17.89 -15.53 34.01
CA GLN A 82 16.55 -15.04 33.69
C GLN A 82 16.68 -13.53 33.52
N HIS A 83 16.36 -13.04 32.31
CA HIS A 83 16.49 -11.63 31.97
C HIS A 83 15.53 -11.28 30.82
N GLU A 84 15.17 -9.98 30.71
CA GLU A 84 14.29 -9.43 29.67
C GLU A 84 14.85 -9.68 28.26
N ASN A 85 16.18 -9.71 28.12
CA ASN A 85 16.81 -9.89 26.82
C ASN A 85 17.37 -11.29 26.59
N LEU A 86 16.84 -12.28 27.31
CA LEU A 86 17.18 -13.68 27.12
C LEU A 86 15.90 -14.43 26.86
N VAL A 87 15.92 -15.34 25.86
CA VAL A 87 14.73 -16.14 25.54
C VAL A 87 14.42 -17.06 26.72
N GLU A 88 13.13 -17.27 27.01
CA GLU A 88 12.71 -18.07 28.14
C GLU A 88 12.41 -19.51 27.76
N LEU A 89 12.95 -20.44 28.56
CA LEU A 89 12.69 -21.87 28.42
C LEU A 89 11.49 -22.18 29.31
N LEU A 90 10.48 -22.85 28.77
CA LEU A 90 9.27 -23.22 29.50
C LEU A 90 9.37 -24.63 30.04
N GLY A 91 10.03 -25.51 29.28
CA GLY A 91 10.17 -26.91 29.67
C GLY A 91 11.07 -27.72 28.79
N PHE A 92 11.03 -29.05 29.00
CA PHE A 92 11.87 -30.02 28.31
C PHE A 92 11.25 -31.42 28.33
N SER A 93 11.83 -32.32 27.51
CA SER A 93 11.48 -33.72 27.41
C SER A 93 12.76 -34.55 27.25
N SER A 94 12.94 -35.58 28.09
CA SER A 94 14.11 -36.45 28.08
C SER A 94 13.74 -37.93 28.26
N ASP A 95 12.43 -38.24 28.42
CA ASP A 95 11.92 -39.59 28.65
C ASP A 95 12.12 -40.55 27.48
N GLY A 96 12.04 -40.06 26.26
CA GLY A 96 12.25 -40.91 25.09
C GLY A 96 13.72 -41.07 24.74
N ASP A 97 13.99 -41.44 23.48
CA ASP A 97 15.36 -41.55 22.95
C ASP A 97 15.70 -40.20 22.31
N ASP A 98 14.67 -39.33 22.21
CA ASP A 98 14.74 -37.97 21.70
C ASP A 98 14.71 -36.98 22.86
N LEU A 99 15.44 -35.88 22.69
CA LEU A 99 15.57 -34.78 23.64
C LEU A 99 14.89 -33.54 23.05
N CYS A 100 13.96 -32.96 23.81
CA CYS A 100 13.22 -31.77 23.37
C CYS A 100 13.34 -30.62 24.36
N LEU A 101 13.34 -29.40 23.82
CA LEU A 101 13.40 -28.16 24.59
C LEU A 101 12.24 -27.27 24.16
N VAL A 102 11.41 -26.84 25.13
CA VAL A 102 10.22 -26.02 24.87
C VAL A 102 10.47 -24.59 25.31
N TYR A 103 10.25 -23.64 24.40
CA TYR A 103 10.49 -22.22 24.66
C TYR A 103 9.27 -21.37 24.42
N VAL A 104 9.32 -20.12 24.93
CA VAL A 104 8.32 -19.09 24.70
C VAL A 104 8.41 -18.79 23.20
N TYR A 105 7.26 -18.73 22.51
CA TYR A 105 7.22 -18.45 21.08
C TYR A 105 7.49 -16.95 20.82
N MET A 106 8.42 -16.69 19.91
CA MET A 106 8.84 -15.35 19.48
C MET A 106 8.12 -15.07 18.15
N PRO A 107 7.02 -14.28 18.18
CA PRO A 107 6.23 -14.05 16.96
C PRO A 107 6.94 -13.37 15.80
N ASN A 108 8.06 -12.66 16.06
CA ASN A 108 8.76 -11.96 15.00
C ASN A 108 10.10 -12.61 14.61
N GLY A 109 10.21 -13.91 14.88
CA GLY A 109 11.36 -14.75 14.51
C GLY A 109 12.71 -14.20 14.90
N SER A 110 13.72 -14.39 14.02
CA SER A 110 15.08 -13.93 14.29
C SER A 110 15.37 -12.58 13.65
N LEU A 111 16.44 -11.90 14.12
CA LEU A 111 16.92 -10.61 13.60
C LEU A 111 17.43 -10.80 12.16
N LEU A 112 18.06 -11.95 11.87
CA LEU A 112 18.56 -12.30 10.54
C LEU A 112 17.41 -12.30 9.51
N ASP A 113 16.29 -12.95 9.85
CA ASP A 113 15.09 -13.04 9.01
C ASP A 113 14.44 -11.67 8.79
N ARG A 114 14.42 -10.83 9.83
CA ARG A 114 13.81 -9.51 9.74
C ARG A 114 14.67 -8.53 8.97
N LEU A 115 16.01 -8.67 9.06
CA LEU A 115 16.92 -7.82 8.29
C LEU A 115 16.84 -8.19 6.79
N SER A 116 16.50 -9.46 6.48
CA SER A 116 16.39 -9.91 5.09
C SER A 116 14.96 -9.79 4.55
N CYS A 117 14.02 -9.27 5.38
CA CYS A 117 12.58 -9.07 5.06
C CYS A 117 11.92 -10.35 4.58
N LEU A 118 12.28 -11.47 5.22
CA LEU A 118 11.79 -12.81 4.91
C LEU A 118 10.29 -12.92 5.07
N ASP A 119 9.63 -13.56 4.09
CA ASP A 119 8.19 -13.83 4.01
C ASP A 119 7.31 -12.55 4.02
N GLY A 120 7.79 -11.51 3.34
CA GLY A 120 7.07 -10.25 3.17
C GLY A 120 7.01 -9.29 4.34
N THR A 121 7.86 -9.46 5.36
CA THR A 121 7.86 -8.56 6.52
C THR A 121 8.48 -7.21 6.15
N PRO A 122 7.92 -6.07 6.64
CA PRO A 122 8.49 -4.76 6.26
C PRO A 122 9.89 -4.53 6.85
N PRO A 123 10.76 -3.72 6.19
CA PRO A 123 12.10 -3.49 6.77
C PRO A 123 12.06 -2.85 8.15
N LEU A 124 13.00 -3.23 9.03
CA LEU A 124 13.10 -2.67 10.37
C LEU A 124 13.62 -1.25 10.24
N SER A 125 13.00 -0.30 10.96
CA SER A 125 13.43 1.10 10.95
C SER A 125 14.72 1.22 11.77
N TRP A 126 15.43 2.34 11.60
CA TRP A 126 16.66 2.63 12.34
C TRP A 126 16.40 2.67 13.84
N HIS A 127 15.26 3.29 14.24
CA HIS A 127 14.82 3.40 15.63
C HIS A 127 14.66 2.01 16.26
N MET A 128 13.99 1.06 15.56
CA MET A 128 13.80 -0.32 16.03
C MET A 128 15.16 -1.03 16.11
N ARG A 129 16.03 -0.82 15.10
CA ARG A 129 17.37 -1.40 15.04
C ARG A 129 18.26 -0.99 16.23
N CYS A 130 18.17 0.29 16.66
CA CYS A 130 18.89 0.82 17.81
C CYS A 130 18.44 0.17 19.11
N LYS A 131 17.12 -0.02 19.28
CA LYS A 131 16.53 -0.66 20.45
C LYS A 131 16.93 -2.14 20.52
N ILE A 132 16.99 -2.82 19.34
CA ILE A 132 17.39 -4.23 19.22
C ILE A 132 18.86 -4.41 19.64
N ALA A 133 19.75 -3.51 19.15
CA ALA A 133 21.18 -3.51 19.46
C ALA A 133 21.41 -3.30 20.96
N GLN A 134 20.65 -2.37 21.58
CA GLN A 134 20.72 -2.09 23.02
C GLN A 134 20.25 -3.29 23.83
N GLY A 135 19.12 -3.88 23.42
CA GLY A 135 18.53 -5.05 24.04
C GLY A 135 19.47 -6.24 24.01
N ALA A 136 20.06 -6.53 22.83
CA ALA A 136 21.01 -7.62 22.65
C ALA A 136 22.26 -7.43 23.54
N ALA A 137 22.77 -6.17 23.66
CA ALA A 137 23.92 -5.84 24.50
C ALA A 137 23.61 -6.04 25.99
N ASN A 138 22.35 -5.73 26.40
CA ASN A 138 21.88 -5.92 27.77
C ASN A 138 21.82 -7.43 28.11
N GLY A 139 21.47 -8.24 27.11
CA GLY A 139 21.40 -9.70 27.22
C GLY A 139 22.76 -10.31 27.41
N ILE A 140 23.72 -9.90 26.58
CA ILE A 140 25.11 -10.39 26.64
C ILE A 140 25.74 -9.96 27.98
N ASN A 141 25.46 -8.71 28.43
CA ASN A 141 25.95 -8.16 29.69
C ASN A 141 25.52 -9.01 30.87
N PHE A 142 24.26 -9.45 30.89
CA PHE A 142 23.71 -10.29 31.94
C PHE A 142 24.41 -11.65 31.97
N LEU A 143 24.67 -12.23 30.78
CA LEU A 143 25.38 -13.51 30.65
C LEU A 143 26.80 -13.41 31.19
N HIS A 144 27.52 -12.33 30.86
CA HIS A 144 28.90 -12.08 31.30
C HIS A 144 28.99 -11.80 32.80
N GLU A 145 27.98 -11.09 33.38
CA GLU A 145 27.89 -10.78 34.81
C GLU A 145 27.68 -12.08 35.61
N ASN A 146 27.00 -13.07 34.98
CA ASN A 146 26.74 -14.39 35.55
C ASN A 146 27.82 -15.40 35.13
N HIS A 147 29.00 -14.90 34.72
CA HIS A 147 30.21 -15.63 34.32
C HIS A 147 29.96 -16.69 33.24
N HIS A 148 29.17 -16.33 32.20
CA HIS A 148 28.87 -17.22 31.07
C HIS A 148 29.28 -16.60 29.74
N ILE A 149 29.94 -17.41 28.89
CA ILE A 149 30.34 -17.01 27.55
C ILE A 149 29.35 -17.71 26.61
N HIS A 150 28.71 -16.96 25.71
CA HIS A 150 27.72 -17.50 24.79
C HIS A 150 28.32 -18.47 23.76
N ARG A 151 29.41 -18.04 23.08
CA ARG A 151 30.21 -18.75 22.06
C ARG A 151 29.57 -18.80 20.65
N ASP A 152 28.30 -18.39 20.49
CA ASP A 152 27.66 -18.40 19.17
C ASP A 152 26.74 -17.18 18.96
N ILE A 153 27.28 -15.98 19.22
CA ILE A 153 26.55 -14.73 19.01
C ILE A 153 26.48 -14.46 17.52
N LYS A 154 25.24 -14.29 17.02
CA LYS A 154 24.90 -14.04 15.62
C LYS A 154 23.44 -13.57 15.52
N SER A 155 23.08 -12.92 14.41
CA SER A 155 21.72 -12.41 14.17
C SER A 155 20.65 -13.52 14.16
N ALA A 156 21.01 -14.76 13.76
CA ALA A 156 20.08 -15.90 13.80
C ALA A 156 19.78 -16.30 15.25
N ASN A 157 20.69 -15.95 16.20
CA ASN A 157 20.53 -16.27 17.62
C ASN A 157 19.97 -15.10 18.44
N ILE A 158 19.45 -14.07 17.75
CA ILE A 158 18.81 -12.92 18.37
C ILE A 158 17.36 -12.96 17.91
N LEU A 159 16.46 -13.32 18.83
CA LEU A 159 15.03 -13.46 18.56
C LEU A 159 14.23 -12.20 18.90
N LEU A 160 13.05 -12.06 18.28
CA LEU A 160 12.20 -10.89 18.45
C LEU A 160 10.78 -11.23 18.88
N ASP A 161 10.39 -10.70 20.06
CA ASP A 161 9.08 -10.94 20.66
C ASP A 161 7.99 -10.06 20.01
N GLU A 162 6.79 -10.04 20.63
CA GLU A 162 5.64 -9.28 20.15
C GLU A 162 5.87 -7.75 20.11
N ALA A 163 6.88 -7.24 20.86
CA ALA A 163 7.25 -5.82 20.92
C ALA A 163 8.60 -5.55 20.24
N PHE A 164 9.14 -6.55 19.50
CA PHE A 164 10.44 -6.51 18.81
C PHE A 164 11.61 -6.35 19.80
N THR A 165 11.42 -6.85 21.04
CA THR A 165 12.45 -6.84 22.08
C THR A 165 13.42 -7.97 21.74
N ALA A 166 14.73 -7.67 21.73
CA ALA A 166 15.79 -8.62 21.42
C ALA A 166 15.93 -9.65 22.53
N LYS A 167 15.93 -10.93 22.15
CA LYS A 167 16.10 -12.03 23.09
C LYS A 167 17.21 -12.97 22.56
N ILE A 168 18.38 -12.94 23.22
CA ILE A 168 19.51 -13.82 22.89
C ILE A 168 19.04 -15.26 23.11
N SER A 169 19.36 -16.15 22.16
CA SER A 169 18.99 -17.55 22.22
C SER A 169 20.17 -18.47 21.95
N ASP A 170 19.93 -19.78 22.13
CA ASP A 170 20.83 -20.91 21.96
C ASP A 170 22.03 -20.86 22.90
N PHE A 171 21.85 -21.41 24.12
CA PHE A 171 22.86 -21.48 25.18
C PHE A 171 23.45 -22.90 25.31
N GLY A 172 23.27 -23.70 24.26
CA GLY A 172 23.78 -25.07 24.19
C GLY A 172 25.29 -25.16 24.18
N LEU A 173 25.96 -24.14 23.60
CA LEU A 173 27.43 -24.05 23.52
C LEU A 173 28.03 -23.11 24.59
N ALA A 174 27.18 -22.55 25.48
CA ALA A 174 27.61 -21.62 26.54
C ALA A 174 28.59 -22.24 27.55
N ARG A 175 29.58 -21.45 28.01
CA ARG A 175 30.59 -21.93 28.96
C ARG A 175 30.66 -21.08 30.22
N ALA A 176 30.70 -21.74 31.39
CA ALA A 176 30.78 -21.11 32.70
C ALA A 176 32.23 -20.81 33.07
N VAL A 184 41.48 -20.04 28.40
CA VAL A 184 40.90 -21.38 28.31
C VAL A 184 40.92 -21.85 26.84
N MET A 185 41.38 -23.09 26.61
CA MET A 185 41.46 -23.70 25.29
C MET A 185 40.51 -24.89 25.11
N TPO A 186 40.19 -25.21 23.84
CA TPO A 186 39.33 -26.33 23.48
CB TPO A 186 37.82 -25.96 23.33
CG2 TPO A 186 37.47 -24.99 22.17
OG1 TPO A 186 36.94 -27.12 23.21
P TPO A 186 36.72 -28.02 24.47
O1P TPO A 186 37.67 -29.22 24.37
O2P TPO A 186 35.29 -28.54 24.38
O3P TPO A 186 36.93 -27.34 25.83
C TPO A 186 39.85 -27.08 22.25
O TPO A 186 40.51 -26.48 21.39
N SEP A 187 39.56 -28.39 22.18
CA SEP A 187 39.92 -29.25 21.05
CB SEP A 187 40.38 -30.64 21.55
OG SEP A 187 39.24 -31.36 22.06
C SEP A 187 38.79 -29.30 20.03
O SEP A 187 39.00 -29.69 18.88
P SEP A 187 39.48 -32.83 22.45
O1P SEP A 187 40.28 -32.90 23.75
O2P SEP A 187 40.19 -33.63 21.35
O3P SEP A 187 38.10 -33.46 22.66
N ARG A 188 37.57 -28.89 20.45
CA ARG A 188 36.37 -28.84 19.63
C ARG A 188 35.96 -27.38 19.34
N ILE A 189 36.40 -26.86 18.18
CA ILE A 189 36.10 -25.49 17.77
C ILE A 189 34.64 -25.47 17.25
N VAL A 190 33.77 -24.73 17.96
CA VAL A 190 32.34 -24.60 17.67
C VAL A 190 31.91 -23.13 17.52
N GLY A 191 30.96 -22.89 16.63
CA GLY A 191 30.43 -21.56 16.35
C GLY A 191 30.19 -21.33 14.86
N THR A 192 29.81 -20.09 14.49
CA THR A 192 29.55 -19.71 13.10
C THR A 192 30.71 -18.85 12.57
N THR A 193 31.48 -19.44 11.64
CA THR A 193 32.70 -18.96 11.00
C THR A 193 32.68 -17.46 10.65
N ALA A 194 31.61 -16.98 9.99
CA ALA A 194 31.46 -15.58 9.56
C ALA A 194 31.38 -14.55 10.71
N TYR A 195 31.04 -15.02 11.93
CA TYR A 195 30.89 -14.18 13.11
C TYR A 195 32.03 -14.35 14.13
N MET A 196 32.70 -15.51 14.12
CA MET A 196 33.76 -15.88 15.07
C MET A 196 34.97 -14.98 15.08
N ALA A 197 35.51 -14.72 16.29
CA ALA A 197 36.71 -13.94 16.50
C ALA A 197 37.94 -14.75 16.06
N PRO A 198 39.06 -14.12 15.63
CA PRO A 198 40.24 -14.90 15.20
C PRO A 198 40.73 -15.91 16.23
N GLU A 199 40.80 -15.53 17.52
CA GLU A 199 41.22 -16.43 18.60
C GLU A 199 40.24 -17.59 18.85
N ALA A 200 38.94 -17.38 18.57
CA ALA A 200 37.89 -18.39 18.71
C ALA A 200 38.08 -19.47 17.64
N LEU A 201 38.53 -19.07 16.42
CA LEU A 201 38.83 -19.99 15.31
C LEU A 201 40.09 -20.80 15.64
N ARG A 202 40.94 -20.23 16.55
CA ARG A 202 42.19 -20.78 17.07
C ARG A 202 42.01 -21.76 18.27
N GLY A 203 40.80 -21.83 18.83
CA GLY A 203 40.45 -22.72 19.92
C GLY A 203 40.31 -22.08 21.29
N GLU A 204 40.49 -20.74 21.38
CA GLU A 204 40.38 -20.00 22.64
C GLU A 204 38.92 -19.78 23.03
N ILE A 205 38.64 -19.83 24.34
CA ILE A 205 37.32 -19.56 24.92
C ILE A 205 37.51 -18.36 25.85
N THR A 206 36.95 -17.20 25.45
CA THR A 206 37.04 -15.94 26.18
C THR A 206 35.78 -15.09 25.98
N PRO A 207 35.30 -14.32 26.99
CA PRO A 207 34.12 -13.47 26.78
C PRO A 207 34.35 -12.37 25.74
N LYS A 208 35.62 -12.09 25.40
CA LYS A 208 36.03 -11.10 24.38
C LYS A 208 35.66 -11.56 22.97
N SER A 209 35.48 -12.88 22.76
CA SER A 209 35.08 -13.47 21.48
C SER A 209 33.61 -13.11 21.21
N ASP A 210 32.77 -13.05 22.28
CA ASP A 210 31.37 -12.66 22.21
C ASP A 210 31.24 -11.20 21.75
N ILE A 211 32.18 -10.34 22.20
CA ILE A 211 32.27 -8.92 21.83
C ILE A 211 32.49 -8.77 20.33
N TYR A 212 33.46 -9.53 19.78
CA TYR A 212 33.81 -9.52 18.36
C TYR A 212 32.59 -9.91 17.51
N SER A 213 31.90 -11.01 17.89
CA SER A 213 30.71 -11.52 17.21
C SER A 213 29.58 -10.50 17.25
N PHE A 214 29.44 -9.76 18.37
CA PHE A 214 28.44 -8.71 18.50
C PHE A 214 28.74 -7.55 17.52
N GLY A 215 30.02 -7.32 17.24
CA GLY A 215 30.50 -6.32 16.30
C GLY A 215 30.06 -6.62 14.87
N VAL A 216 30.03 -7.92 14.51
CA VAL A 216 29.57 -8.40 13.21
C VAL A 216 28.05 -8.17 13.11
N VAL A 217 27.32 -8.47 14.20
CA VAL A 217 25.87 -8.26 14.30
C VAL A 217 25.53 -6.78 14.08
N LEU A 218 26.31 -5.86 14.69
CA LEU A 218 26.12 -4.42 14.53
C LEU A 218 26.30 -3.99 13.07
N LEU A 219 27.26 -4.60 12.35
CA LEU A 219 27.47 -4.33 10.92
C LEU A 219 26.27 -4.82 10.10
N GLU A 220 25.68 -5.99 10.47
CA GLU A 220 24.49 -6.54 9.83
C GLU A 220 23.30 -5.61 10.02
N ILE A 221 23.18 -5.01 11.24
CA ILE A 221 22.11 -4.08 11.60
C ILE A 221 22.19 -2.79 10.75
N ILE A 222 23.41 -2.24 10.56
CA ILE A 222 23.66 -1.02 9.79
C ILE A 222 23.41 -1.23 8.28
N THR A 223 23.94 -2.32 7.72
CA THR A 223 23.91 -2.63 6.29
C THR A 223 22.71 -3.41 5.79
N GLY A 224 22.10 -4.22 6.66
CA GLY A 224 21.00 -5.10 6.28
C GLY A 224 21.50 -6.29 5.46
N LEU A 225 22.83 -6.49 5.44
CA LEU A 225 23.51 -7.55 4.69
C LEU A 225 23.92 -8.69 5.63
N PRO A 226 23.75 -9.97 5.21
CA PRO A 226 24.22 -11.08 6.07
C PRO A 226 25.75 -11.09 6.20
N ALA A 227 26.27 -11.65 7.31
CA ALA A 227 27.72 -11.74 7.61
C ALA A 227 28.52 -12.44 6.51
N VAL A 228 27.90 -13.43 5.85
CA VAL A 228 28.49 -14.18 4.75
C VAL A 228 27.46 -14.37 3.63
N ASP A 229 27.91 -14.19 2.39
CA ASP A 229 27.13 -14.38 1.17
C ASP A 229 28.14 -14.80 0.11
N GLU A 230 28.08 -16.08 -0.30
CA GLU A 230 29.01 -16.64 -1.29
C GLU A 230 28.89 -16.00 -2.68
N HIS A 231 27.70 -15.50 -3.04
CA HIS A 231 27.47 -14.85 -4.33
C HIS A 231 27.60 -13.31 -4.22
N ARG A 232 28.43 -12.83 -3.27
CA ARG A 232 28.66 -11.40 -3.03
C ARG A 232 30.16 -11.06 -3.01
N GLU A 233 30.50 -9.82 -3.40
CA GLU A 233 31.86 -9.30 -3.40
C GLU A 233 31.91 -8.02 -2.53
N PRO A 234 32.52 -8.05 -1.31
CA PRO A 234 33.19 -9.19 -0.66
C PRO A 234 32.21 -10.17 -0.03
N GLN A 235 32.61 -11.45 0.04
CA GLN A 235 31.82 -12.53 0.62
C GLN A 235 31.52 -12.31 2.10
N LEU A 236 32.52 -11.85 2.87
CA LEU A 236 32.40 -11.60 4.30
C LEU A 236 32.19 -10.13 4.59
N LEU A 237 31.20 -9.85 5.45
CA LEU A 237 30.82 -8.49 5.84
C LEU A 237 31.90 -7.75 6.62
N LEU A 238 32.60 -8.43 7.55
CA LEU A 238 33.65 -7.82 8.38
C LEU A 238 34.80 -7.22 7.54
N ASP A 239 34.83 -7.55 6.23
CA ASP A 239 35.82 -7.02 5.28
C ASP A 239 35.51 -5.59 4.82
N ILE A 240 34.27 -5.10 5.06
CA ILE A 240 33.88 -3.72 4.73
C ILE A 240 34.57 -2.75 5.69
N LYS A 241 34.96 -3.24 6.90
CA LYS A 241 35.69 -2.50 7.91
C LYS A 241 37.05 -2.08 7.34
N GLU A 242 37.67 -2.97 6.54
CA GLU A 242 38.96 -2.74 5.88
C GLU A 242 38.85 -1.68 4.80
N GLU A 243 37.76 -1.74 3.98
CA GLU A 243 37.51 -0.78 2.90
C GLU A 243 37.25 0.63 3.44
N ILE A 244 36.61 0.74 4.62
CA ILE A 244 36.32 2.02 5.28
C ILE A 244 37.62 2.61 5.86
N GLU A 245 38.42 1.79 6.57
CA GLU A 245 39.70 2.20 7.18
C GLU A 245 40.74 2.61 6.13
N ASP A 246 40.78 1.90 4.98
CA ASP A 246 41.70 2.20 3.88
C ASP A 246 41.19 3.36 2.99
N GLU A 247 40.08 4.01 3.42
CA GLU A 247 39.40 5.17 2.79
C GLU A 247 38.88 4.88 1.36
N GLU A 248 38.72 3.60 1.00
CA GLU A 248 38.19 3.15 -0.29
C GLU A 248 36.68 3.44 -0.38
N LYS A 249 35.99 3.40 0.78
CA LYS A 249 34.56 3.65 0.95
C LYS A 249 34.27 4.23 2.35
N THR A 250 32.99 4.58 2.63
CA THR A 250 32.55 5.10 3.93
C THR A 250 31.39 4.22 4.43
N ILE A 251 30.96 4.41 5.69
CA ILE A 251 29.83 3.65 6.23
C ILE A 251 28.51 4.09 5.56
N GLU A 252 28.45 5.36 5.11
CA GLU A 252 27.33 5.98 4.39
C GLU A 252 27.02 5.23 3.10
N ASP A 253 28.05 4.71 2.42
CA ASP A 253 27.92 3.92 1.20
C ASP A 253 27.30 2.55 1.46
N TYR A 254 27.43 2.04 2.71
CA TYR A 254 26.93 0.72 3.10
C TYR A 254 25.64 0.72 3.92
N ILE A 255 25.11 1.91 4.32
CA ILE A 255 23.85 2.02 5.09
C ILE A 255 22.73 1.32 4.32
N ASP A 256 21.95 0.47 5.01
CA ASP A 256 20.81 -0.25 4.43
C ASP A 256 19.87 0.75 3.75
N LYS A 257 19.68 0.61 2.43
CA LYS A 257 18.81 1.47 1.64
C LYS A 257 17.32 1.21 1.91
N LYS A 258 17.02 0.12 2.66
CA LYS A 258 15.67 -0.26 3.06
C LYS A 258 15.19 0.50 4.30
N MET A 259 15.92 1.51 4.76
CA MET A 259 15.56 2.37 5.88
C MET A 259 15.26 3.76 5.35
N ASN A 260 14.36 4.51 6.03
CA ASN A 260 14.04 5.90 5.67
C ASN A 260 14.36 6.89 6.82
N ASP A 261 14.69 6.36 8.02
CA ASP A 261 14.94 7.13 9.24
C ASP A 261 16.37 7.06 9.79
N ALA A 262 17.33 6.57 9.00
CA ALA A 262 18.72 6.48 9.46
C ALA A 262 19.41 7.83 9.34
N ASP A 263 19.97 8.34 10.45
CA ASP A 263 20.71 9.59 10.44
C ASP A 263 22.20 9.30 10.55
N SER A 264 23.01 10.05 9.80
CA SER A 264 24.47 9.88 9.72
C SER A 264 25.20 9.81 11.07
N THR A 265 24.82 10.67 12.03
CA THR A 265 25.43 10.77 13.37
C THR A 265 25.29 9.48 14.17
N SER A 266 24.05 8.97 14.36
CA SER A 266 23.84 7.73 15.13
C SER A 266 24.35 6.48 14.42
N VAL A 267 24.35 6.47 13.07
CA VAL A 267 24.88 5.35 12.27
C VAL A 267 26.40 5.27 12.46
N GLU A 268 27.10 6.44 12.40
CA GLU A 268 28.54 6.54 12.63
C GLU A 268 28.89 6.16 14.07
N ALA A 269 28.00 6.49 15.03
CA ALA A 269 28.13 6.15 16.44
C ALA A 269 28.07 4.62 16.64
N MET A 270 27.11 3.91 15.97
CA MET A 270 27.00 2.44 16.04
C MET A 270 28.19 1.79 15.33
N TYR A 271 28.63 2.37 14.19
CA TYR A 271 29.79 1.85 13.45
C TYR A 271 31.07 1.96 14.29
N SER A 272 31.21 3.05 15.08
CA SER A 272 32.36 3.27 15.96
C SER A 272 32.44 2.15 17.01
N VAL A 273 31.28 1.74 17.57
CA VAL A 273 31.14 0.65 18.55
C VAL A 273 31.54 -0.66 17.87
N ALA A 274 30.98 -0.93 16.66
CA ALA A 274 31.26 -2.12 15.85
C ALA A 274 32.75 -2.24 15.54
N SER A 275 33.39 -1.13 15.12
CA SER A 275 34.81 -1.04 14.81
C SER A 275 35.68 -1.39 16.02
N GLN A 276 35.30 -0.89 17.22
CA GLN A 276 35.99 -1.15 18.49
C GLN A 276 35.85 -2.63 18.87
N CYS A 277 34.66 -3.22 18.64
CA CYS A 277 34.34 -4.63 18.91
C CYS A 277 35.15 -5.55 18.00
N LEU A 278 35.40 -5.11 16.76
CA LEU A 278 36.07 -5.90 15.72
C LEU A 278 37.60 -5.77 15.68
N HIS A 279 38.23 -5.30 16.78
CA HIS A 279 39.69 -5.23 16.90
C HIS A 279 40.18 -6.68 16.88
N GLU A 280 41.21 -6.98 16.06
CA GLU A 280 41.76 -8.32 15.93
C GLU A 280 42.41 -8.80 17.25
N LYS A 281 43.04 -7.87 17.99
CA LYS A 281 43.66 -8.13 19.29
C LYS A 281 42.56 -8.04 20.35
N LYS A 282 42.23 -9.18 20.99
CA LYS A 282 41.14 -9.32 21.98
C LYS A 282 41.20 -8.34 23.16
N ASN A 283 42.41 -7.95 23.60
CA ASN A 283 42.59 -7.04 24.73
C ASN A 283 42.26 -5.57 24.39
N LYS A 284 42.26 -5.22 23.09
CA LYS A 284 41.95 -3.88 22.61
C LYS A 284 40.44 -3.65 22.48
N ARG A 285 39.65 -4.75 22.47
CA ARG A 285 38.19 -4.73 22.39
C ARG A 285 37.59 -4.21 23.70
N PRO A 286 36.48 -3.43 23.65
CA PRO A 286 35.87 -2.99 24.92
C PRO A 286 35.10 -4.14 25.59
N ASP A 287 34.90 -4.07 26.92
CA ASP A 287 34.09 -5.07 27.60
C ASP A 287 32.61 -4.79 27.30
N ILE A 288 31.71 -5.76 27.58
CA ILE A 288 30.28 -5.61 27.28
C ILE A 288 29.64 -4.38 27.99
N LYS A 289 30.12 -4.03 29.20
CA LYS A 289 29.62 -2.87 29.95
C LYS A 289 29.89 -1.57 29.19
N LYS A 290 31.08 -1.45 28.56
CA LYS A 290 31.46 -0.29 27.75
C LYS A 290 30.62 -0.25 26.46
N VAL A 291 30.39 -1.42 25.82
CA VAL A 291 29.56 -1.55 24.61
C VAL A 291 28.14 -1.05 24.91
N GLN A 292 27.58 -1.49 26.05
CA GLN A 292 26.26 -1.11 26.56
C GLN A 292 26.20 0.41 26.78
N GLN A 293 27.26 1.00 27.36
CA GLN A 293 27.42 2.43 27.63
C GLN A 293 27.41 3.24 26.33
N LEU A 294 28.21 2.82 25.34
CA LEU A 294 28.32 3.50 24.04
C LEU A 294 27.02 3.44 23.23
N LEU A 295 26.26 2.32 23.34
CA LEU A 295 24.99 2.16 22.63
C LEU A 295 23.89 3.04 23.24
N GLN A 296 23.95 3.30 24.57
CA GLN A 296 22.98 4.17 25.26
C GLN A 296 23.24 5.63 24.91
N GLU A 297 24.53 6.03 24.79
CA GLU A 297 24.98 7.37 24.42
C GLU A 297 24.59 7.71 22.98
N MET A 298 24.56 6.69 22.10
CA MET A 298 24.18 6.75 20.69
C MET A 298 22.77 7.33 20.50
N THR A 299 21.82 6.91 21.37
CA THR A 299 20.43 7.37 21.37
C THR A 299 20.25 8.43 22.46
N PHE B 6 -22.10 -0.55 -39.89
CA PHE B 6 -22.02 -1.43 -38.71
C PHE B 6 -22.10 -2.90 -39.11
N HIS B 7 -21.45 -3.78 -38.33
CA HIS B 7 -21.43 -5.21 -38.61
C HIS B 7 -22.76 -5.87 -38.23
N SER B 8 -23.31 -6.68 -39.15
CA SER B 8 -24.54 -7.41 -38.90
C SER B 8 -24.20 -8.78 -38.31
N PHE B 9 -24.47 -8.97 -37.01
CA PHE B 9 -24.22 -10.22 -36.30
C PHE B 9 -25.47 -11.07 -36.27
N SER B 10 -25.29 -12.40 -36.33
CA SER B 10 -26.41 -13.33 -36.17
C SER B 10 -26.53 -13.51 -34.66
N PHE B 11 -27.73 -13.84 -34.16
CA PHE B 11 -27.93 -14.04 -32.74
C PHE B 11 -27.07 -15.19 -32.18
N TYR B 12 -26.84 -16.24 -32.97
CA TYR B 12 -26.00 -17.37 -32.57
C TYR B 12 -24.53 -16.96 -32.41
N GLU B 13 -24.03 -16.04 -33.28
CA GLU B 13 -22.68 -15.51 -33.21
C GLU B 13 -22.45 -14.79 -31.88
N LEU B 14 -23.43 -13.98 -31.45
CA LEU B 14 -23.33 -13.24 -30.19
C LEU B 14 -23.45 -14.13 -28.96
N LYS B 15 -24.08 -15.31 -29.09
CA LYS B 15 -24.13 -16.29 -28.00
C LYS B 15 -22.71 -16.83 -27.84
N ASN B 16 -22.04 -17.10 -28.99
CA ASN B 16 -20.66 -17.59 -29.00
C ASN B 16 -19.65 -16.57 -28.47
N VAL B 17 -19.92 -15.25 -28.58
CA VAL B 17 -19.01 -14.21 -28.08
C VAL B 17 -19.20 -13.93 -26.57
N THR B 18 -20.41 -14.20 -26.02
CA THR B 18 -20.78 -13.93 -24.62
C THR B 18 -20.95 -15.18 -23.72
N ASN B 19 -20.39 -16.35 -24.14
CA ASN B 19 -20.49 -17.63 -23.43
C ASN B 19 -21.98 -17.98 -23.18
N ASN B 20 -22.79 -17.90 -24.26
CA ASN B 20 -24.23 -18.13 -24.34
C ASN B 20 -25.00 -17.22 -23.37
N PHE B 21 -24.70 -15.90 -23.43
CA PHE B 21 -25.28 -14.86 -22.57
C PHE B 21 -25.29 -15.27 -21.10
N ASP B 22 -24.10 -15.62 -20.59
CA ASP B 22 -23.87 -16.05 -19.20
C ASP B 22 -24.31 -14.92 -18.25
N GLU B 23 -25.52 -15.08 -17.67
CA GLU B 23 -26.18 -14.12 -16.79
C GLU B 23 -25.52 -13.92 -15.42
N ARG B 24 -24.51 -14.74 -15.08
CA ARG B 24 -23.79 -14.61 -13.82
C ARG B 24 -22.90 -13.35 -13.90
N PRO B 25 -22.67 -12.60 -12.80
CA PRO B 25 -21.78 -11.42 -12.89
C PRO B 25 -20.33 -11.80 -13.21
N ILE B 26 -19.54 -10.83 -13.71
CA ILE B 26 -18.11 -10.97 -14.07
C ILE B 26 -17.32 -11.53 -12.87
N SER B 27 -17.59 -11.01 -11.65
CA SER B 27 -16.98 -11.38 -10.38
C SER B 27 -17.12 -12.87 -10.01
N VAL B 28 -18.20 -13.54 -10.48
CA VAL B 28 -18.47 -14.96 -10.22
C VAL B 28 -18.04 -15.84 -11.43
N GLY B 29 -17.42 -15.22 -12.44
CA GLY B 29 -16.94 -15.91 -13.63
C GLY B 29 -17.89 -15.93 -14.82
N GLY B 30 -18.92 -15.10 -14.75
CA GLY B 30 -19.92 -14.98 -15.81
C GLY B 30 -19.61 -13.88 -16.80
N ASN B 31 -20.62 -13.48 -17.59
CA ASN B 31 -20.47 -12.43 -18.60
C ASN B 31 -21.32 -11.18 -18.33
N LYS B 32 -22.24 -11.22 -17.35
CA LYS B 32 -23.10 -10.08 -17.03
C LYS B 32 -22.31 -8.93 -16.38
N MET B 33 -22.40 -7.75 -17.02
CA MET B 33 -21.74 -6.52 -16.57
C MET B 33 -22.71 -5.68 -15.75
N GLY B 34 -23.98 -5.76 -16.09
CA GLY B 34 -25.06 -5.02 -15.43
C GLY B 34 -26.35 -5.06 -16.20
N GLU B 35 -27.36 -4.35 -15.68
CA GLU B 35 -28.68 -4.30 -16.31
C GLU B 35 -29.39 -2.96 -16.09
N GLY B 36 -30.23 -2.61 -17.04
CA GLY B 36 -31.06 -1.41 -17.03
C GLY B 36 -32.50 -1.76 -17.28
N GLY B 37 -33.32 -0.73 -17.49
CA GLY B 37 -34.74 -0.90 -17.75
C GLY B 37 -35.03 -1.42 -19.14
N PHE B 38 -34.06 -1.30 -20.07
CA PHE B 38 -34.20 -1.70 -21.47
C PHE B 38 -33.38 -2.96 -21.84
N GLY B 39 -32.55 -3.48 -20.93
CA GLY B 39 -31.78 -4.68 -21.20
C GLY B 39 -30.60 -4.99 -20.30
N VAL B 40 -30.03 -6.20 -20.48
CA VAL B 40 -28.86 -6.71 -19.75
C VAL B 40 -27.61 -6.51 -20.63
N VAL B 41 -26.50 -6.09 -20.01
CA VAL B 41 -25.23 -5.83 -20.68
C VAL B 41 -24.26 -6.98 -20.40
N TYR B 42 -23.69 -7.56 -21.44
CA TYR B 42 -22.76 -8.69 -21.35
C TYR B 42 -21.41 -8.38 -21.96
N LYS B 43 -20.34 -8.91 -21.37
CA LYS B 43 -18.98 -8.78 -21.88
C LYS B 43 -18.78 -9.88 -22.92
N GLY B 44 -18.14 -9.52 -24.03
CA GLY B 44 -17.87 -10.43 -25.13
C GLY B 44 -16.46 -10.26 -25.70
N TYR B 45 -16.02 -11.26 -26.49
CA TYR B 45 -14.68 -11.23 -27.10
C TYR B 45 -14.76 -11.59 -28.58
N VAL B 46 -14.33 -10.66 -29.46
CA VAL B 46 -14.31 -10.85 -30.91
C VAL B 46 -12.86 -10.62 -31.36
N ASN B 47 -12.11 -11.73 -31.57
CA ASN B 47 -10.69 -11.74 -31.99
C ASN B 47 -9.82 -10.69 -31.28
N ASN B 48 -9.50 -10.95 -30.00
CA ASN B 48 -8.67 -10.13 -29.10
C ASN B 48 -9.31 -8.79 -28.70
N THR B 49 -10.40 -8.37 -29.36
CA THR B 49 -11.12 -7.14 -29.05
C THR B 49 -12.25 -7.47 -28.07
N THR B 50 -12.29 -6.73 -26.95
CA THR B 50 -13.34 -6.90 -25.95
C THR B 50 -14.54 -6.07 -26.39
N VAL B 51 -15.74 -6.61 -26.24
CA VAL B 51 -16.97 -5.92 -26.64
C VAL B 51 -18.02 -5.91 -25.53
N ALA B 52 -18.96 -4.97 -25.63
CA ALA B 52 -20.11 -4.84 -24.75
C ALA B 52 -21.33 -5.18 -25.60
N VAL B 53 -22.09 -6.20 -25.20
CA VAL B 53 -23.29 -6.65 -25.92
C VAL B 53 -24.52 -6.37 -25.06
N LYS B 54 -25.41 -5.50 -25.54
CA LYS B 54 -26.64 -5.18 -24.85
C LYS B 54 -27.77 -5.98 -25.46
N LYS B 55 -28.29 -6.97 -24.70
CA LYS B 55 -29.42 -7.76 -25.17
C LYS B 55 -30.67 -7.03 -24.66
N LEU B 56 -31.45 -6.46 -25.59
CA LEU B 56 -32.66 -5.71 -25.26
C LEU B 56 -33.78 -6.59 -24.73
N ALA B 57 -34.36 -6.18 -23.59
CA ALA B 57 -35.45 -6.89 -22.91
C ALA B 57 -36.42 -5.90 -22.26
N ASP B 61 -43.85 -2.74 -18.19
CA ASP B 61 -43.35 -1.38 -18.08
C ASP B 61 -43.25 -0.73 -19.48
N ILE B 62 -42.52 -1.38 -20.41
CA ILE B 62 -42.33 -0.92 -21.79
C ILE B 62 -42.76 -1.99 -22.79
N THR B 63 -43.37 -1.57 -23.91
CA THR B 63 -43.86 -2.47 -24.97
C THR B 63 -42.73 -2.96 -25.89
N THR B 64 -43.00 -4.02 -26.68
CA THR B 64 -42.05 -4.60 -27.64
C THR B 64 -41.73 -3.62 -28.77
N GLU B 65 -42.72 -2.82 -29.22
CA GLU B 65 -42.60 -1.82 -30.28
C GLU B 65 -41.73 -0.65 -29.78
N GLU B 66 -41.90 -0.28 -28.48
CA GLU B 66 -41.14 0.78 -27.80
C GLU B 66 -39.66 0.40 -27.76
N LEU B 67 -39.38 -0.89 -27.48
CA LEU B 67 -38.06 -1.50 -27.41
C LEU B 67 -37.39 -1.53 -28.79
N LYS B 68 -38.19 -1.75 -29.86
CA LYS B 68 -37.72 -1.76 -31.24
C LYS B 68 -37.36 -0.34 -31.70
N GLN B 69 -38.14 0.68 -31.25
CA GLN B 69 -37.90 2.09 -31.57
C GLN B 69 -36.58 2.56 -30.99
N GLN B 70 -36.26 2.10 -29.75
CA GLN B 70 -35.02 2.39 -29.03
C GLN B 70 -33.83 1.82 -29.80
N PHE B 71 -33.99 0.60 -30.33
CA PHE B 71 -33.00 -0.14 -31.12
C PHE B 71 -32.70 0.62 -32.41
N ASP B 72 -33.76 1.01 -33.14
CA ASP B 72 -33.67 1.76 -34.39
C ASP B 72 -33.08 3.16 -34.18
N GLN B 73 -33.51 3.86 -33.12
CA GLN B 73 -33.04 5.20 -32.79
C GLN B 73 -31.54 5.20 -32.45
N GLU B 74 -31.09 4.18 -31.70
CA GLU B 74 -29.68 4.04 -31.33
C GLU B 74 -28.81 3.88 -32.58
N ILE B 75 -29.21 2.99 -33.50
CA ILE B 75 -28.51 2.75 -34.78
C ILE B 75 -28.50 4.02 -35.65
N LYS B 76 -29.66 4.71 -35.77
CA LYS B 76 -29.83 5.94 -36.56
C LYS B 76 -28.91 7.06 -36.09
N VAL B 77 -28.90 7.33 -34.76
CA VAL B 77 -28.07 8.36 -34.13
C VAL B 77 -26.58 8.02 -34.28
N MET B 78 -26.18 6.76 -34.05
CA MET B 78 -24.77 6.37 -34.17
C MET B 78 -24.23 6.43 -35.58
N ALA B 79 -25.07 6.11 -36.59
CA ALA B 79 -24.69 6.16 -38.00
C ALA B 79 -24.43 7.61 -38.44
N LYS B 80 -25.17 8.56 -37.85
CA LYS B 80 -25.06 9.99 -38.14
C LYS B 80 -23.96 10.65 -37.31
N CYS B 81 -23.83 10.26 -36.03
CA CYS B 81 -22.91 10.87 -35.07
C CYS B 81 -21.73 9.98 -34.66
N GLN B 82 -20.53 10.34 -35.15
CA GLN B 82 -19.26 9.68 -34.84
C GLN B 82 -18.35 10.76 -34.24
N HIS B 83 -17.94 10.56 -32.97
CA HIS B 83 -17.12 11.53 -32.23
C HIS B 83 -16.25 10.86 -31.17
N GLU B 84 -15.15 11.52 -30.77
CA GLU B 84 -14.22 11.07 -29.74
C GLU B 84 -14.89 10.90 -28.37
N ASN B 85 -16.02 11.60 -28.14
CA ASN B 85 -16.72 11.59 -26.85
C ASN B 85 -18.12 10.98 -26.91
N LEU B 86 -18.32 10.02 -27.82
CA LEU B 86 -19.56 9.26 -27.95
C LEU B 86 -19.15 7.81 -28.08
N VAL B 87 -19.80 6.91 -27.32
CA VAL B 87 -19.50 5.47 -27.42
C VAL B 87 -19.71 5.03 -28.86
N GLU B 88 -18.81 4.21 -29.35
CA GLU B 88 -18.91 3.73 -30.71
C GLU B 88 -19.67 2.41 -30.76
N LEU B 89 -20.62 2.32 -31.71
CA LEU B 89 -21.38 1.11 -31.97
C LEU B 89 -20.60 0.34 -33.04
N LEU B 90 -20.35 -0.95 -32.79
CA LEU B 90 -19.62 -1.81 -33.72
C LEU B 90 -20.58 -2.60 -34.60
N GLY B 91 -21.70 -3.00 -34.03
CA GLY B 91 -22.70 -3.79 -34.73
C GLY B 91 -23.99 -4.02 -33.99
N PHE B 92 -24.80 -4.94 -34.53
CA PHE B 92 -26.14 -5.26 -34.03
C PHE B 92 -26.59 -6.65 -34.46
N SER B 93 -27.69 -7.12 -33.86
CA SER B 93 -28.35 -8.38 -34.16
C SER B 93 -29.86 -8.16 -34.08
N SER B 94 -30.60 -8.55 -35.14
CA SER B 94 -32.05 -8.39 -35.22
C SER B 94 -32.76 -9.65 -35.76
N ASP B 95 -32.00 -10.72 -36.06
CA ASP B 95 -32.54 -11.98 -36.57
C ASP B 95 -33.26 -12.77 -35.47
N ASP B 98 -34.49 -11.78 -30.09
CA ASP B 98 -33.80 -10.86 -29.19
C ASP B 98 -32.87 -9.88 -29.91
N LEU B 99 -33.16 -8.58 -29.78
CA LEU B 99 -32.44 -7.46 -30.37
C LEU B 99 -31.17 -7.19 -29.56
N CYS B 100 -30.01 -7.16 -30.24
CA CYS B 100 -28.72 -6.91 -29.60
C CYS B 100 -27.99 -5.75 -30.23
N LEU B 101 -27.22 -5.02 -29.40
CA LEU B 101 -26.39 -3.90 -29.83
C LEU B 101 -24.97 -4.15 -29.31
N VAL B 102 -23.98 -4.12 -30.22
CA VAL B 102 -22.58 -4.38 -29.90
C VAL B 102 -21.78 -3.09 -29.92
N TYR B 103 -21.08 -2.79 -28.82
CA TYR B 103 -20.31 -1.56 -28.68
C TYR B 103 -18.85 -1.81 -28.37
N VAL B 104 -18.02 -0.76 -28.53
CA VAL B 104 -16.62 -0.75 -28.13
C VAL B 104 -16.64 -0.85 -26.60
N TYR B 105 -15.82 -1.75 -26.04
CA TYR B 105 -15.74 -1.97 -24.60
C TYR B 105 -15.03 -0.81 -23.91
N MET B 106 -15.63 -0.32 -22.83
CA MET B 106 -15.11 0.76 -22.02
C MET B 106 -14.50 0.12 -20.77
N PRO B 107 -13.16 -0.02 -20.69
CA PRO B 107 -12.55 -0.70 -19.53
C PRO B 107 -12.76 -0.05 -18.16
N ASN B 108 -13.06 1.26 -18.14
CA ASN B 108 -13.20 1.91 -16.86
C ASN B 108 -14.65 2.18 -16.46
N GLY B 109 -15.59 1.45 -17.07
CA GLY B 109 -17.01 1.51 -16.75
C GLY B 109 -17.62 2.89 -16.83
N SER B 110 -18.57 3.19 -15.94
CA SER B 110 -19.25 4.49 -15.94
C SER B 110 -18.64 5.46 -14.93
N LEU B 111 -18.90 6.77 -15.15
CA LEU B 111 -18.45 7.84 -14.27
C LEU B 111 -19.09 7.67 -12.88
N LEU B 112 -20.35 7.21 -12.82
CA LEU B 112 -21.07 6.96 -11.57
C LEU B 112 -20.34 5.91 -10.72
N ASP B 113 -19.94 4.79 -11.34
CA ASP B 113 -19.20 3.70 -10.68
C ASP B 113 -17.82 4.17 -10.21
N ARG B 114 -17.12 5.01 -10.99
CA ARG B 114 -15.79 5.51 -10.62
C ARG B 114 -15.84 6.57 -9.54
N LEU B 115 -16.91 7.40 -9.52
CA LEU B 115 -17.09 8.39 -8.46
C LEU B 115 -17.42 7.71 -7.12
N SER B 116 -18.04 6.53 -7.18
CA SER B 116 -18.39 5.77 -5.97
C SER B 116 -17.32 4.75 -5.57
N CYS B 117 -16.19 4.69 -6.34
CA CYS B 117 -15.03 3.81 -6.14
C CYS B 117 -15.45 2.34 -6.09
N LEU B 118 -16.41 1.97 -6.95
CA LEU B 118 -16.99 0.63 -7.05
C LEU B 118 -15.92 -0.40 -7.38
N ASP B 119 -15.98 -1.55 -6.67
CA ASP B 119 -15.11 -2.72 -6.81
C ASP B 119 -13.60 -2.42 -6.59
N GLY B 120 -13.32 -1.55 -5.61
CA GLY B 120 -11.95 -1.22 -5.21
C GLY B 120 -11.16 -0.27 -6.09
N THR B 121 -11.81 0.44 -7.02
CA THR B 121 -11.09 1.37 -7.90
C THR B 121 -10.65 2.62 -7.11
N PRO B 122 -9.42 3.17 -7.33
CA PRO B 122 -9.01 4.36 -6.58
C PRO B 122 -9.82 5.61 -6.95
N PRO B 123 -10.00 6.58 -6.03
CA PRO B 123 -10.78 7.79 -6.39
C PRO B 123 -10.18 8.55 -7.57
N LEU B 124 -11.05 9.13 -8.42
CA LEU B 124 -10.60 9.93 -9.55
C LEU B 124 -10.03 11.24 -9.04
N SER B 125 -8.86 11.64 -9.55
CA SER B 125 -8.24 12.90 -9.16
C SER B 125 -9.02 14.07 -9.79
N TRP B 126 -8.81 15.29 -9.28
CA TRP B 126 -9.44 16.50 -9.79
C TRP B 126 -9.08 16.73 -11.25
N HIS B 127 -7.80 16.49 -11.61
CA HIS B 127 -7.27 16.60 -12.97
C HIS B 127 -8.04 15.70 -13.93
N MET B 128 -8.27 14.42 -13.56
CA MET B 128 -9.02 13.46 -14.36
C MET B 128 -10.48 13.90 -14.48
N ARG B 129 -11.06 14.38 -13.37
CA ARG B 129 -12.45 14.86 -13.31
C ARG B 129 -12.70 16.05 -14.26
N CYS B 130 -11.73 16.97 -14.39
CA CYS B 130 -11.80 18.13 -15.29
C CYS B 130 -11.78 17.70 -16.74
N LYS B 131 -10.92 16.72 -17.09
CA LYS B 131 -10.81 16.15 -18.43
C LYS B 131 -12.11 15.43 -18.83
N ILE B 132 -12.73 14.71 -17.86
CA ILE B 132 -13.99 13.98 -18.05
C ILE B 132 -15.14 14.96 -18.33
N ALA B 133 -15.21 16.05 -17.55
CA ALA B 133 -16.23 17.10 -17.70
C ALA B 133 -16.13 17.78 -19.08
N GLN B 134 -14.89 18.06 -19.52
CA GLN B 134 -14.60 18.65 -20.84
C GLN B 134 -15.00 17.70 -21.97
N GLY B 135 -14.60 16.44 -21.84
CA GLY B 135 -14.93 15.39 -22.79
C GLY B 135 -16.43 15.24 -22.95
N ALA B 136 -17.17 15.08 -21.82
CA ALA B 136 -18.63 14.96 -21.83
C ALA B 136 -19.30 16.16 -22.51
N ALA B 137 -18.81 17.40 -22.24
CA ALA B 137 -19.35 18.62 -22.85
C ALA B 137 -19.11 18.64 -24.37
N ASN B 138 -17.96 18.12 -24.83
CA ASN B 138 -17.60 18.00 -26.25
C ASN B 138 -18.54 17.01 -26.95
N GLY B 139 -18.91 15.93 -26.25
CA GLY B 139 -19.84 14.90 -26.73
C GLY B 139 -21.25 15.42 -26.89
N ILE B 140 -21.76 16.18 -25.88
CA ILE B 140 -23.10 16.79 -25.91
C ILE B 140 -23.15 17.86 -27.01
N ASN B 141 -22.05 18.65 -27.16
CA ASN B 141 -21.93 19.69 -28.20
C ASN B 141 -22.08 19.13 -29.59
N PHE B 142 -21.44 17.98 -29.85
CA PHE B 142 -21.51 17.29 -31.13
C PHE B 142 -22.94 16.84 -31.42
N LEU B 143 -23.63 16.30 -30.41
CA LEU B 143 -25.02 15.85 -30.52
C LEU B 143 -25.96 17.01 -30.85
N HIS B 144 -25.78 18.16 -30.17
CA HIS B 144 -26.59 19.37 -30.38
C HIS B 144 -26.33 20.01 -31.74
N GLU B 145 -25.06 19.98 -32.23
CA GLU B 145 -24.67 20.50 -33.55
C GLU B 145 -25.31 19.67 -34.66
N ASN B 146 -25.53 18.38 -34.39
CA ASN B 146 -26.17 17.42 -35.29
C ASN B 146 -27.68 17.32 -35.02
N HIS B 147 -28.25 18.36 -34.37
CA HIS B 147 -29.66 18.55 -34.02
C HIS B 147 -30.29 17.35 -33.27
N HIS B 148 -29.57 16.82 -32.28
CA HIS B 148 -30.03 15.70 -31.46
C HIS B 148 -30.05 16.07 -29.98
N ILE B 149 -31.15 15.74 -29.29
CA ILE B 149 -31.31 15.94 -27.85
C ILE B 149 -31.13 14.55 -27.24
N HIS B 150 -30.23 14.42 -26.25
CA HIS B 150 -29.94 13.14 -25.60
C HIS B 150 -31.13 12.61 -24.80
N ARG B 151 -31.70 13.47 -23.92
CA ARG B 151 -32.87 13.25 -23.03
C ARG B 151 -32.56 12.45 -21.74
N ASP B 152 -31.37 11.84 -21.62
CA ASP B 152 -31.02 11.08 -20.43
C ASP B 152 -29.56 11.26 -20.01
N ILE B 153 -29.12 12.53 -19.92
CA ILE B 153 -27.76 12.85 -19.49
C ILE B 153 -27.66 12.59 -17.98
N LYS B 154 -26.70 11.74 -17.60
CA LYS B 154 -26.40 11.34 -16.21
C LYS B 154 -25.03 10.66 -16.16
N SER B 155 -24.43 10.58 -14.95
CA SER B 155 -23.13 9.95 -14.74
C SER B 155 -23.08 8.47 -15.14
N ALA B 156 -24.22 7.74 -15.03
CA ALA B 156 -24.30 6.33 -15.46
C ALA B 156 -24.22 6.23 -16.99
N ASN B 157 -24.56 7.32 -17.71
CA ASN B 157 -24.52 7.37 -19.18
C ASN B 157 -23.24 8.02 -19.73
N ILE B 158 -22.23 8.21 -18.86
CA ILE B 158 -20.93 8.74 -19.24
C ILE B 158 -19.95 7.61 -18.96
N LEU B 159 -19.46 7.01 -20.04
CA LEU B 159 -18.54 5.89 -19.94
C LEU B 159 -17.09 6.33 -20.06
N LEU B 160 -16.18 5.50 -19.54
CA LEU B 160 -14.77 5.78 -19.49
C LEU B 160 -13.91 4.72 -20.17
N ASP B 161 -13.15 5.13 -21.19
CA ASP B 161 -12.27 4.22 -21.93
C ASP B 161 -10.97 3.96 -21.19
N GLU B 162 -10.01 3.26 -21.84
CA GLU B 162 -8.70 2.91 -21.29
C GLU B 162 -7.84 4.10 -20.83
N ALA B 163 -8.14 5.32 -21.34
CA ALA B 163 -7.43 6.57 -21.02
C ALA B 163 -8.30 7.51 -20.18
N PHE B 164 -9.45 6.99 -19.69
CA PHE B 164 -10.45 7.72 -18.90
C PHE B 164 -11.05 8.90 -19.70
N THR B 165 -11.18 8.72 -21.03
CA THR B 165 -11.81 9.69 -21.92
C THR B 165 -13.32 9.47 -21.76
N ALA B 166 -14.08 10.56 -21.54
CA ALA B 166 -15.53 10.50 -21.40
C ALA B 166 -16.19 10.15 -22.73
N LYS B 167 -17.15 9.23 -22.67
CA LYS B 167 -17.91 8.79 -23.83
C LYS B 167 -19.39 8.79 -23.49
N ILE B 168 -20.16 9.65 -24.15
CA ILE B 168 -21.61 9.73 -23.95
C ILE B 168 -22.23 8.44 -24.52
N SER B 169 -23.09 7.78 -23.73
CA SER B 169 -23.78 6.55 -24.12
C SER B 169 -25.30 6.67 -23.96
N ASP B 170 -26.00 5.66 -24.51
CA ASP B 170 -27.44 5.43 -24.50
C ASP B 170 -28.21 6.50 -25.28
N PHE B 171 -28.30 6.30 -26.61
CA PHE B 171 -29.00 7.19 -27.53
C PHE B 171 -30.37 6.63 -27.96
N GLY B 172 -30.91 5.71 -27.15
CA GLY B 172 -32.21 5.08 -27.37
C GLY B 172 -33.37 6.06 -27.24
N LEU B 173 -33.23 7.03 -26.31
CA LEU B 173 -34.24 8.06 -26.06
C LEU B 173 -33.95 9.39 -26.79
N ALA B 174 -32.86 9.43 -27.61
CA ALA B 174 -32.46 10.63 -28.35
C ALA B 174 -33.52 11.10 -29.36
N ARG B 175 -33.68 12.43 -29.50
CA ARG B 175 -34.65 13.03 -30.42
C ARG B 175 -34.02 13.99 -31.41
N VAL B 190 -39.90 10.37 -20.16
CA VAL B 190 -38.76 9.45 -20.02
C VAL B 190 -37.49 10.18 -19.56
N GLY B 191 -36.70 9.48 -18.75
CA GLY B 191 -35.44 9.99 -18.19
C GLY B 191 -35.25 9.60 -16.73
N THR B 192 -34.18 10.12 -16.11
CA THR B 192 -33.86 9.85 -14.71
C THR B 192 -34.16 11.09 -13.85
N THR B 193 -35.21 10.96 -13.03
CA THR B 193 -35.84 11.95 -12.16
C THR B 193 -34.85 12.89 -11.45
N ALA B 194 -33.81 12.35 -10.80
CA ALA B 194 -32.80 13.14 -10.06
C ALA B 194 -31.94 14.08 -10.93
N TYR B 195 -31.90 13.83 -12.24
CA TYR B 195 -31.11 14.61 -13.20
C TYR B 195 -31.95 15.51 -14.10
N MET B 196 -33.22 15.15 -14.32
CA MET B 196 -34.17 15.83 -15.19
C MET B 196 -34.44 17.29 -14.85
N ALA B 197 -34.58 18.13 -15.88
CA ALA B 197 -34.91 19.54 -15.77
C ALA B 197 -36.39 19.68 -15.35
N PRO B 198 -36.80 20.77 -14.66
CA PRO B 198 -38.23 20.91 -14.29
C PRO B 198 -39.20 20.79 -15.50
N GLU B 199 -38.88 21.44 -16.63
CA GLU B 199 -39.71 21.38 -17.85
C GLU B 199 -39.74 19.98 -18.48
N ALA B 200 -38.65 19.19 -18.31
CA ALA B 200 -38.57 17.82 -18.83
C ALA B 200 -39.53 16.90 -18.04
N LEU B 201 -39.68 17.16 -16.73
CA LEU B 201 -40.61 16.44 -15.85
C LEU B 201 -42.06 16.82 -16.21
N ARG B 202 -42.22 18.01 -16.86
CA ARG B 202 -43.46 18.61 -17.34
C ARG B 202 -43.89 18.14 -18.76
N GLY B 203 -43.00 17.41 -19.44
CA GLY B 203 -43.26 16.84 -20.77
C GLY B 203 -42.60 17.54 -21.94
N GLU B 204 -41.83 18.61 -21.68
CA GLU B 204 -41.12 19.37 -22.71
C GLU B 204 -39.88 18.64 -23.20
N ILE B 205 -39.59 18.74 -24.51
CA ILE B 205 -38.39 18.18 -25.15
C ILE B 205 -37.62 19.39 -25.73
N THR B 206 -36.48 19.70 -25.13
CA THR B 206 -35.63 20.85 -25.51
C THR B 206 -34.15 20.53 -25.25
N PRO B 207 -33.19 21.01 -26.10
CA PRO B 207 -31.77 20.76 -25.81
C PRO B 207 -31.28 21.42 -24.52
N LYS B 208 -32.07 22.38 -23.97
CA LYS B 208 -31.79 23.09 -22.72
C LYS B 208 -31.96 22.16 -21.50
N SER B 209 -32.74 21.08 -21.65
CA SER B 209 -32.94 20.07 -20.60
C SER B 209 -31.66 19.26 -20.42
N ASP B 210 -30.91 19.01 -21.52
CA ASP B 210 -29.62 18.31 -21.52
C ASP B 210 -28.59 19.13 -20.73
N ILE B 211 -28.66 20.47 -20.85
CA ILE B 211 -27.79 21.43 -20.15
C ILE B 211 -27.99 21.31 -18.64
N TYR B 212 -29.27 21.29 -18.18
CA TYR B 212 -29.63 21.17 -16.77
C TYR B 212 -29.08 19.86 -16.19
N SER B 213 -29.28 18.73 -16.91
CA SER B 213 -28.81 17.40 -16.50
C SER B 213 -27.29 17.36 -16.40
N PHE B 214 -26.60 18.07 -17.32
CA PHE B 214 -25.14 18.16 -17.28
C PHE B 214 -24.66 18.92 -16.02
N GLY B 215 -25.46 19.87 -15.55
CA GLY B 215 -25.19 20.63 -14.33
C GLY B 215 -25.24 19.76 -13.09
N VAL B 216 -26.13 18.76 -13.08
CA VAL B 216 -26.25 17.78 -12.00
C VAL B 216 -24.99 16.89 -12.00
N VAL B 217 -24.56 16.46 -13.20
CA VAL B 217 -23.34 15.67 -13.41
C VAL B 217 -22.11 16.42 -12.87
N LEU B 218 -22.01 17.73 -13.14
CA LEU B 218 -20.91 18.57 -12.66
C LEU B 218 -20.88 18.61 -11.13
N LEU B 219 -22.07 18.67 -10.48
CA LEU B 219 -22.17 18.64 -9.03
C LEU B 219 -21.69 17.29 -8.47
N GLU B 220 -22.00 16.16 -9.16
CA GLU B 220 -21.55 14.81 -8.79
C GLU B 220 -20.04 14.70 -8.90
N ILE B 221 -19.46 15.35 -9.93
CA ILE B 221 -18.02 15.36 -10.17
C ILE B 221 -17.28 16.09 -9.02
N ILE B 222 -17.81 17.27 -8.59
CA ILE B 222 -17.24 18.09 -7.52
C ILE B 222 -17.34 17.41 -6.14
N THR B 223 -18.52 16.86 -5.82
CA THR B 223 -18.84 16.28 -4.52
C THR B 223 -18.53 14.79 -4.36
N GLY B 224 -18.56 14.04 -5.46
CA GLY B 224 -18.38 12.58 -5.44
C GLY B 224 -19.61 11.90 -4.90
N LEU B 225 -20.73 12.65 -4.79
CA LEU B 225 -22.00 12.18 -4.27
C LEU B 225 -22.98 11.90 -5.42
N PRO B 226 -23.75 10.79 -5.37
CA PRO B 226 -24.77 10.56 -6.43
C PRO B 226 -25.88 11.61 -6.36
N ALA B 227 -26.56 11.87 -7.50
CA ALA B 227 -27.65 12.84 -7.64
C ALA B 227 -28.80 12.60 -6.65
N VAL B 228 -29.07 11.32 -6.35
CA VAL B 228 -30.09 10.90 -5.41
C VAL B 228 -29.57 9.78 -4.51
N ASP B 229 -29.85 9.89 -3.22
CA ASP B 229 -29.50 8.91 -2.20
C ASP B 229 -30.60 9.00 -1.16
N GLU B 230 -31.46 7.97 -1.09
CA GLU B 230 -32.60 7.94 -0.17
C GLU B 230 -32.19 7.91 1.32
N HIS B 231 -30.99 7.37 1.62
CA HIS B 231 -30.48 7.32 3.00
C HIS B 231 -29.53 8.51 3.28
N ARG B 232 -29.76 9.65 2.62
CA ARG B 232 -28.95 10.86 2.77
C ARG B 232 -29.82 12.10 3.04
N GLU B 233 -29.25 13.10 3.76
CA GLU B 233 -29.88 14.37 4.06
C GLU B 233 -28.99 15.53 3.56
N PRO B 234 -29.36 16.23 2.45
CA PRO B 234 -30.57 16.07 1.63
C PRO B 234 -30.48 14.90 0.65
N GLN B 235 -31.63 14.30 0.32
CA GLN B 235 -31.74 13.17 -0.60
C GLN B 235 -31.27 13.52 -2.02
N LEU B 236 -31.63 14.72 -2.50
CA LEU B 236 -31.25 15.20 -3.83
C LEU B 236 -30.09 16.14 -3.78
N LEU B 237 -29.11 15.92 -4.67
CA LEU B 237 -27.89 16.72 -4.76
C LEU B 237 -28.13 18.17 -5.19
N LEU B 238 -29.07 18.41 -6.13
CA LEU B 238 -29.36 19.75 -6.65
C LEU B 238 -29.87 20.73 -5.56
N ASP B 239 -30.12 20.21 -4.34
CA ASP B 239 -30.54 20.99 -3.17
C ASP B 239 -29.37 21.71 -2.50
N ILE B 240 -28.12 21.25 -2.75
CA ILE B 240 -26.90 21.88 -2.21
C ILE B 240 -26.70 23.26 -2.85
N LYS B 241 -27.23 23.45 -4.08
CA LYS B 241 -27.17 24.72 -4.81
C LYS B 241 -27.95 25.79 -4.01
N GLU B 242 -29.08 25.39 -3.39
CA GLU B 242 -29.93 26.26 -2.57
C GLU B 242 -29.23 26.65 -1.27
N GLU B 243 -28.53 25.68 -0.62
CA GLU B 243 -27.79 25.90 0.63
C GLU B 243 -26.60 26.85 0.42
N ILE B 244 -25.96 26.79 -0.77
CA ILE B 244 -24.82 27.64 -1.13
C ILE B 244 -25.31 29.08 -1.40
N GLU B 245 -26.39 29.22 -2.20
CA GLU B 245 -27.00 30.51 -2.55
C GLU B 245 -27.58 31.24 -1.34
N ASP B 246 -28.20 30.49 -0.39
CA ASP B 246 -28.76 31.04 0.86
C ASP B 246 -27.69 31.28 1.93
N GLU B 247 -26.39 31.10 1.56
CA GLU B 247 -25.18 31.29 2.37
C GLU B 247 -25.11 30.37 3.62
N GLU B 248 -25.87 29.27 3.62
CA GLU B 248 -25.88 28.27 4.71
C GLU B 248 -24.57 27.48 4.69
N LYS B 249 -24.06 27.19 3.48
CA LYS B 249 -22.81 26.46 3.22
C LYS B 249 -22.09 27.09 2.00
N THR B 250 -20.89 26.54 1.67
CA THR B 250 -20.08 26.94 0.51
C THR B 250 -19.80 25.66 -0.31
N ILE B 251 -19.23 25.81 -1.52
CA ILE B 251 -18.89 24.64 -2.35
C ILE B 251 -17.69 23.89 -1.72
N GLU B 252 -16.82 24.63 -0.99
CA GLU B 252 -15.65 24.13 -0.27
C GLU B 252 -16.05 23.07 0.76
N ASP B 253 -17.23 23.24 1.41
CA ASP B 253 -17.78 22.31 2.39
C ASP B 253 -18.24 21.00 1.74
N TYR B 254 -18.57 21.04 0.43
CA TYR B 254 -19.08 19.89 -0.31
C TYR B 254 -18.04 19.19 -1.24
N ILE B 255 -16.82 19.76 -1.39
CA ILE B 255 -15.76 19.17 -2.23
C ILE B 255 -15.49 17.72 -1.77
N ASP B 256 -15.44 16.78 -2.73
CA ASP B 256 -15.15 15.37 -2.46
C ASP B 256 -13.85 15.25 -1.66
N LYS B 257 -13.95 14.68 -0.44
CA LYS B 257 -12.83 14.49 0.47
C LYS B 257 -11.89 13.37 -0.01
N LYS B 258 -12.32 12.61 -1.04
CA LYS B 258 -11.55 11.53 -1.64
C LYS B 258 -10.55 12.03 -2.71
N MET B 259 -10.38 13.36 -2.81
CA MET B 259 -9.41 13.99 -3.73
C MET B 259 -8.31 14.64 -2.89
N ASN B 260 -7.09 14.73 -3.45
CA ASN B 260 -5.95 15.41 -2.81
C ASN B 260 -5.40 16.57 -3.65
N ASP B 261 -5.88 16.70 -4.91
CA ASP B 261 -5.41 17.70 -5.89
C ASP B 261 -6.45 18.75 -6.29
N ALA B 262 -7.57 18.87 -5.55
CA ALA B 262 -8.57 19.87 -5.88
C ALA B 262 -8.17 21.26 -5.39
N ASP B 263 -8.13 22.25 -6.29
CA ASP B 263 -7.80 23.63 -5.93
C ASP B 263 -9.08 24.46 -5.95
N SER B 264 -9.23 25.36 -4.97
CA SER B 264 -10.41 26.21 -4.80
C SER B 264 -10.85 26.98 -6.05
N THR B 265 -9.89 27.54 -6.82
CA THR B 265 -10.16 28.35 -8.02
C THR B 265 -10.87 27.55 -9.12
N SER B 266 -10.32 26.39 -9.55
CA SER B 266 -10.93 25.57 -10.59
C SER B 266 -12.22 24.88 -10.14
N VAL B 267 -12.35 24.56 -8.83
CA VAL B 267 -13.57 23.95 -8.26
C VAL B 267 -14.71 24.99 -8.32
N GLU B 268 -14.42 26.25 -7.91
CA GLU B 268 -15.37 27.36 -7.96
C GLU B 268 -15.76 27.67 -9.41
N ALA B 269 -14.81 27.53 -10.35
CA ALA B 269 -15.03 27.72 -11.78
C ALA B 269 -16.01 26.67 -12.33
N MET B 270 -15.84 25.36 -11.94
CA MET B 270 -16.75 24.30 -12.37
C MET B 270 -18.12 24.47 -11.72
N TYR B 271 -18.16 24.90 -10.43
CA TYR B 271 -19.41 25.14 -9.73
C TYR B 271 -20.20 26.28 -10.38
N SER B 272 -19.51 27.33 -10.85
CA SER B 272 -20.11 28.48 -11.53
C SER B 272 -20.84 28.02 -12.80
N VAL B 273 -20.22 27.08 -13.56
CA VAL B 273 -20.78 26.49 -14.78
C VAL B 273 -22.02 25.67 -14.39
N ALA B 274 -21.89 24.81 -13.35
CA ALA B 274 -22.98 23.96 -12.83
C ALA B 274 -24.18 24.82 -12.41
N SER B 275 -23.93 25.91 -11.66
CA SER B 275 -24.93 26.86 -11.18
C SER B 275 -25.70 27.49 -12.34
N GLN B 276 -24.98 27.88 -13.41
CA GLN B 276 -25.55 28.48 -14.62
C GLN B 276 -26.43 27.46 -15.37
N CYS B 277 -25.96 26.19 -15.42
CA CYS B 277 -26.67 25.07 -16.05
C CYS B 277 -27.97 24.75 -15.32
N LEU B 278 -27.97 24.90 -13.98
CA LEU B 278 -29.08 24.54 -13.10
C LEU B 278 -30.12 25.64 -12.86
N HIS B 279 -30.15 26.68 -13.73
CA HIS B 279 -31.17 27.74 -13.67
C HIS B 279 -32.52 27.06 -13.94
N GLU B 280 -33.53 27.32 -13.11
CA GLU B 280 -34.86 26.73 -13.25
C GLU B 280 -35.54 27.17 -14.56
N LYS B 281 -35.32 28.42 -14.98
CA LYS B 281 -35.84 28.99 -16.24
C LYS B 281 -34.86 28.58 -17.35
N LYS B 282 -35.33 27.73 -18.29
CA LYS B 282 -34.55 27.14 -19.39
C LYS B 282 -33.83 28.17 -20.29
N ASN B 283 -34.40 29.36 -20.49
CA ASN B 283 -33.83 30.41 -21.33
C ASN B 283 -32.63 31.12 -20.68
N LYS B 284 -32.50 31.03 -19.34
CA LYS B 284 -31.40 31.63 -18.59
C LYS B 284 -30.15 30.75 -18.58
N ARG B 285 -30.32 29.45 -18.94
CA ARG B 285 -29.24 28.46 -19.01
C ARG B 285 -28.33 28.75 -20.21
N PRO B 286 -26.99 28.55 -20.10
CA PRO B 286 -26.13 28.77 -21.27
C PRO B 286 -26.28 27.62 -22.27
N ASP B 287 -25.95 27.87 -23.55
CA ASP B 287 -25.98 26.79 -24.54
C ASP B 287 -24.73 25.91 -24.34
N ILE B 288 -24.71 24.71 -24.94
CA ILE B 288 -23.59 23.77 -24.77
C ILE B 288 -22.24 24.37 -25.22
N LYS B 289 -22.23 25.25 -26.26
CA LYS B 289 -21.01 25.90 -26.75
C LYS B 289 -20.39 26.79 -25.66
N LYS B 290 -21.24 27.51 -24.90
CA LYS B 290 -20.80 28.37 -23.80
C LYS B 290 -20.28 27.51 -22.63
N VAL B 291 -20.95 26.37 -22.33
CA VAL B 291 -20.56 25.42 -21.29
C VAL B 291 -19.15 24.88 -21.61
N GLN B 292 -18.94 24.48 -22.87
CA GLN B 292 -17.68 23.98 -23.42
C GLN B 292 -16.57 25.04 -23.28
N GLN B 293 -16.91 26.32 -23.58
CA GLN B 293 -16.02 27.47 -23.49
C GLN B 293 -15.56 27.71 -22.03
N LEU B 294 -16.51 27.72 -21.09
CA LEU B 294 -16.24 27.94 -19.67
C LEU B 294 -15.41 26.81 -19.04
N LEU B 295 -15.62 25.55 -19.50
CA LEU B 295 -14.87 24.40 -19.00
C LEU B 295 -13.42 24.39 -19.50
N GLN B 296 -13.17 24.94 -20.72
CA GLN B 296 -11.81 25.05 -21.28
C GLN B 296 -11.02 26.14 -20.55
N GLU B 297 -11.70 27.27 -20.22
CA GLU B 297 -11.13 28.41 -19.49
C GLU B 297 -10.75 28.01 -18.06
N MET B 298 -11.51 27.07 -17.46
CA MET B 298 -11.32 26.52 -16.11
C MET B 298 -9.91 25.89 -15.95
N THR B 299 -9.44 25.18 -17.00
CA THR B 299 -8.11 24.55 -17.02
C THR B 299 -7.17 25.43 -17.84
N ARG C 5 12.50 6.31 30.45
CA ARG C 5 12.84 5.69 29.16
C ARG C 5 12.47 6.58 27.96
N PHE C 6 11.49 7.49 28.13
CA PHE C 6 11.05 8.41 27.07
C PHE C 6 11.90 9.68 27.07
N HIS C 7 12.09 10.31 25.90
CA HIS C 7 12.87 11.53 25.79
C HIS C 7 12.13 12.75 26.32
N SER C 8 12.82 13.55 27.15
CA SER C 8 12.24 14.77 27.71
C SER C 8 12.56 15.94 26.79
N PHE C 9 11.55 16.45 26.06
CA PHE C 9 11.71 17.58 25.15
C PHE C 9 11.31 18.87 25.84
N SER C 10 11.96 19.97 25.47
CA SER C 10 11.55 21.27 25.97
C SER C 10 10.45 21.70 25.00
N PHE C 11 9.63 22.67 25.40
CA PHE C 11 8.59 23.15 24.51
C PHE C 11 9.16 23.88 23.30
N TYR C 12 10.24 24.66 23.47
CA TYR C 12 10.87 25.38 22.37
C TYR C 12 11.51 24.43 21.35
N GLU C 13 12.00 23.25 21.82
CA GLU C 13 12.56 22.21 20.96
C GLU C 13 11.47 21.67 20.01
N LEU C 14 10.26 21.47 20.55
CA LEU C 14 9.13 20.97 19.77
C LEU C 14 8.57 21.99 18.77
N LYS C 15 8.77 23.31 19.02
CA LYS C 15 8.39 24.35 18.06
C LYS C 15 9.33 24.23 16.85
N ASN C 16 10.61 23.92 17.11
CA ASN C 16 11.61 23.73 16.07
C ASN C 16 11.36 22.48 15.21
N VAL C 17 10.74 21.44 15.80
CA VAL C 17 10.47 20.20 15.06
C VAL C 17 9.17 20.31 14.23
N THR C 18 8.24 21.20 14.60
CA THR C 18 6.93 21.32 13.96
C THR C 18 6.69 22.62 13.16
N ASN C 19 7.78 23.32 12.76
CA ASN C 19 7.74 24.61 12.05
C ASN C 19 6.87 25.61 12.81
N ASN C 20 7.15 25.71 14.13
CA ASN C 20 6.48 26.57 15.13
C ASN C 20 4.98 26.25 15.23
N PHE C 21 4.65 24.94 15.34
CA PHE C 21 3.27 24.42 15.39
C PHE C 21 2.39 25.03 14.29
N ASP C 22 2.85 24.89 13.02
CA ASP C 22 2.18 25.38 11.80
C ASP C 22 0.79 24.73 11.71
N GLU C 23 -0.25 25.51 12.11
CA GLU C 23 -1.65 25.09 12.17
C GLU C 23 -2.33 24.83 10.82
N ARG C 24 -1.65 25.13 9.70
CA ARG C 24 -2.18 24.87 8.35
C ARG C 24 -2.15 23.36 8.10
N PRO C 25 -3.12 22.77 7.36
CA PRO C 25 -3.04 21.32 7.10
C PRO C 25 -1.84 20.91 6.23
N ILE C 26 -1.45 19.62 6.30
CA ILE C 26 -0.35 19.02 5.53
C ILE C 26 -0.50 19.29 4.03
N SER C 27 -1.75 19.14 3.51
CA SER C 27 -2.14 19.34 2.12
C SER C 27 -1.77 20.70 1.53
N VAL C 28 -1.77 21.76 2.35
CA VAL C 28 -1.43 23.10 1.87
C VAL C 28 0.06 23.46 2.18
N GLY C 29 0.75 22.57 2.88
CA GLY C 29 2.17 22.76 3.23
C GLY C 29 2.45 23.08 4.70
N GLY C 30 1.46 22.86 5.54
CA GLY C 30 1.59 23.09 6.98
C GLY C 30 1.99 21.85 7.73
N ASN C 31 1.80 21.87 9.05
CA ASN C 31 2.16 20.75 9.89
C ASN C 31 0.98 20.09 10.60
N LYS C 32 -0.23 20.69 10.54
CA LYS C 32 -1.42 20.13 11.18
C LYS C 32 -1.92 18.87 10.48
N MET C 33 -2.01 17.78 11.24
CA MET C 33 -2.48 16.47 10.75
C MET C 33 -3.97 16.31 11.07
N GLY C 34 -4.40 16.88 12.17
CA GLY C 34 -5.79 16.83 12.62
C GLY C 34 -5.95 17.32 14.04
N GLU C 35 -7.17 17.24 14.57
CA GLU C 35 -7.50 17.66 15.93
C GLU C 35 -8.61 16.84 16.57
N GLY C 36 -8.53 16.73 17.89
CA GLY C 36 -9.49 16.02 18.72
C GLY C 36 -9.99 16.91 19.84
N GLY C 37 -10.72 16.31 20.78
CA GLY C 37 -11.27 17.01 21.94
C GLY C 37 -10.21 17.41 22.96
N PHE C 38 -9.05 16.71 22.94
CA PHE C 38 -7.96 16.94 23.89
C PHE C 38 -6.71 17.61 23.28
N GLY C 39 -6.70 17.86 21.96
CA GLY C 39 -5.56 18.53 21.33
C GLY C 39 -5.41 18.43 19.82
N VAL C 40 -4.47 19.23 19.28
CA VAL C 40 -4.12 19.29 17.84
C VAL C 40 -2.87 18.42 17.60
N VAL C 41 -2.88 17.65 16.50
CA VAL C 41 -1.77 16.75 16.13
C VAL C 41 -0.96 17.39 15.00
N TYR C 42 0.36 17.47 15.18
CA TYR C 42 1.28 18.07 14.21
C TYR C 42 2.34 17.08 13.76
N LYS C 43 2.76 17.20 12.49
CA LYS C 43 3.85 16.41 11.92
C LYS C 43 5.15 17.13 12.27
N GLY C 44 6.14 16.37 12.70
CA GLY C 44 7.44 16.91 13.07
C GLY C 44 8.60 16.11 12.51
N TYR C 45 9.80 16.70 12.52
CA TYR C 45 11.00 16.06 12.02
C TYR C 45 12.15 16.20 13.01
N VAL C 46 12.68 15.07 13.48
CA VAL C 46 13.80 14.99 14.41
C VAL C 46 14.89 14.20 13.66
N ASN C 47 15.86 14.94 13.05
CA ASN C 47 16.92 14.42 12.18
C ASN C 47 16.29 13.80 10.92
N ASN C 48 16.39 12.48 10.75
CA ASN C 48 15.80 11.76 9.61
C ASN C 48 14.50 11.05 10.02
N THR C 49 14.02 11.31 11.23
CA THR C 49 12.81 10.71 11.77
C THR C 49 11.62 11.66 11.68
N THR C 50 10.52 11.16 11.11
CA THR C 50 9.26 11.87 11.09
C THR C 50 8.56 11.47 12.39
N VAL C 51 7.94 12.44 13.07
CA VAL C 51 7.23 12.22 14.34
C VAL C 51 5.83 12.83 14.32
N ALA C 52 4.97 12.41 15.25
CA ALA C 52 3.64 12.94 15.48
C ALA C 52 3.69 13.63 16.83
N VAL C 53 3.40 14.94 16.88
CA VAL C 53 3.41 15.73 18.12
C VAL C 53 1.98 16.17 18.45
N LYS C 54 1.44 15.68 19.56
CA LYS C 54 0.11 16.05 20.03
C LYS C 54 0.25 17.17 21.08
N LYS C 55 -0.16 18.40 20.74
CA LYS C 55 -0.14 19.51 21.68
C LYS C 55 -1.49 19.50 22.38
N LEU C 56 -1.50 19.19 23.68
CA LEU C 56 -2.73 19.11 24.49
C LEU C 56 -3.36 20.48 24.72
N ALA C 57 -4.67 20.57 24.46
CA ALA C 57 -5.46 21.79 24.62
C ALA C 57 -6.88 21.45 25.08
N ASP C 61 -15.39 22.62 28.52
CA ASP C 61 -15.71 21.20 28.37
C ASP C 61 -14.87 20.34 29.33
N ILE C 62 -13.52 20.46 29.25
CA ILE C 62 -12.57 19.73 30.10
C ILE C 62 -11.63 20.68 30.83
N THR C 63 -11.35 20.39 32.11
CA THR C 63 -10.48 21.22 32.95
C THR C 63 -8.98 21.01 32.65
N THR C 64 -8.12 21.93 33.14
CA THR C 64 -6.67 21.86 32.95
C THR C 64 -6.06 20.67 33.71
N GLU C 65 -6.63 20.34 34.90
CA GLU C 65 -6.19 19.23 35.75
C GLU C 65 -6.58 17.90 35.11
N GLU C 66 -7.76 17.83 34.47
CA GLU C 66 -8.26 16.65 33.74
C GLU C 66 -7.34 16.36 32.54
N LEU C 67 -6.86 17.42 31.86
CA LEU C 67 -5.95 17.38 30.72
C LEU C 67 -4.57 16.87 31.16
N LYS C 68 -4.15 17.23 32.38
CA LYS C 68 -2.88 16.80 32.98
C LYS C 68 -2.95 15.32 33.37
N GLN C 69 -4.12 14.84 33.85
CA GLN C 69 -4.33 13.44 34.24
C GLN C 69 -4.24 12.53 33.02
N GLN C 70 -4.77 12.98 31.87
CA GLN C 70 -4.73 12.25 30.60
C GLN C 70 -3.29 12.18 30.05
N PHE C 71 -2.49 13.23 30.28
CA PHE C 71 -1.07 13.32 29.91
C PHE C 71 -0.28 12.29 30.73
N ASP C 72 -0.49 12.28 32.07
CA ASP C 72 0.16 11.35 33.01
C ASP C 72 -0.24 9.90 32.75
N GLN C 73 -1.53 9.66 32.48
CA GLN C 73 -2.07 8.33 32.19
C GLN C 73 -1.49 7.75 30.89
N GLU C 74 -1.35 8.59 29.85
CA GLU C 74 -0.78 8.17 28.58
C GLU C 74 0.67 7.71 28.77
N ILE C 75 1.49 8.48 29.50
CA ILE C 75 2.89 8.16 29.81
C ILE C 75 2.99 6.86 30.65
N LYS C 76 2.13 6.72 31.69
CA LYS C 76 2.07 5.55 32.57
C LYS C 76 1.77 4.26 31.82
N VAL C 77 0.70 4.26 30.99
CA VAL C 77 0.28 3.12 30.17
C VAL C 77 1.35 2.76 29.11
N MET C 78 1.92 3.78 28.43
CA MET C 78 2.96 3.61 27.42
C MET C 78 4.24 2.98 27.96
N ALA C 79 4.63 3.35 29.20
CA ALA C 79 5.82 2.83 29.88
C ALA C 79 5.65 1.35 30.26
N LYS C 80 4.40 0.96 30.59
CA LYS C 80 4.06 -0.42 30.99
C LYS C 80 3.75 -1.32 29.79
N CYS C 81 3.08 -0.78 28.75
CA CYS C 81 2.63 -1.55 27.59
C CYS C 81 3.35 -1.21 26.29
N GLN C 82 4.19 -2.16 25.85
CA GLN C 82 4.96 -2.09 24.61
C GLN C 82 4.56 -3.32 23.79
N HIS C 83 4.01 -3.09 22.58
CA HIS C 83 3.52 -4.14 21.69
C HIS C 83 3.48 -3.62 20.25
N GLU C 84 3.67 -4.50 19.25
CA GLU C 84 3.64 -4.12 17.83
C GLU C 84 2.28 -3.55 17.37
N ASN C 85 1.19 -3.89 18.08
CA ASN C 85 -0.14 -3.39 17.76
C ASN C 85 -0.57 -2.24 18.67
N LEU C 86 0.40 -1.57 19.31
CA LEU C 86 0.17 -0.38 20.15
C LEU C 86 1.12 0.69 19.67
N VAL C 87 0.62 1.92 19.42
CA VAL C 87 1.47 3.05 18.99
C VAL C 87 2.56 3.31 20.07
N GLU C 88 3.79 3.61 19.63
CA GLU C 88 4.90 3.85 20.55
C GLU C 88 5.08 5.35 20.83
N LEU C 89 5.27 5.68 22.11
CA LEU C 89 5.56 7.03 22.56
C LEU C 89 7.08 7.19 22.57
N LEU C 90 7.59 8.25 21.95
CA LEU C 90 9.03 8.54 21.89
C LEU C 90 9.44 9.51 23.00
N GLY C 91 8.55 10.46 23.30
CA GLY C 91 8.82 11.47 24.32
C GLY C 91 7.66 12.35 24.67
N PHE C 92 7.96 13.42 25.43
CA PHE C 92 6.98 14.36 25.95
C PHE C 92 7.60 15.72 26.28
N SER C 93 6.74 16.71 26.55
CA SER C 93 7.12 18.07 26.96
C SER C 93 6.11 18.52 28.02
N SER C 94 6.60 19.00 29.18
CA SER C 94 5.76 19.46 30.28
C SER C 94 6.24 20.79 30.90
N ASP C 95 7.30 21.39 30.34
CA ASP C 95 7.83 22.67 30.79
C ASP C 95 6.91 23.82 30.37
N GLY C 96 6.68 24.75 31.29
CA GLY C 96 5.83 25.91 31.06
C GLY C 96 4.35 25.61 31.24
N ASP C 97 3.52 26.18 30.35
CA ASP C 97 2.06 26.08 30.37
C ASP C 97 1.48 25.07 29.36
N ASP C 98 2.35 24.41 28.58
CA ASP C 98 1.89 23.48 27.56
C ASP C 98 2.26 22.02 27.82
N LEU C 99 1.47 21.08 27.26
CA LEU C 99 1.74 19.66 27.41
C LEU C 99 1.77 19.00 26.03
N CYS C 100 2.89 18.37 25.68
CA CYS C 100 3.06 17.72 24.40
C CYS C 100 3.44 16.25 24.55
N LEU C 101 2.98 15.44 23.60
CA LEU C 101 3.30 14.01 23.53
C LEU C 101 3.83 13.70 22.14
N VAL C 102 5.02 13.08 22.08
CA VAL C 102 5.70 12.77 20.81
C VAL C 102 5.63 11.26 20.54
N TYR C 103 5.13 10.88 19.37
CA TYR C 103 4.94 9.47 18.99
C TYR C 103 5.65 9.11 17.71
N VAL C 104 5.79 7.80 17.47
CA VAL C 104 6.29 7.23 16.22
C VAL C 104 5.21 7.58 15.17
N TYR C 105 5.65 8.08 14.02
CA TYR C 105 4.76 8.46 12.94
C TYR C 105 4.22 7.24 12.18
N MET C 106 2.88 7.21 11.96
CA MET C 106 2.14 6.16 11.25
C MET C 106 1.79 6.74 9.88
N PRO C 107 2.52 6.37 8.80
CA PRO C 107 2.29 6.99 7.49
C PRO C 107 0.94 6.75 6.82
N ASN C 108 0.21 5.68 7.19
CA ASN C 108 -1.05 5.43 6.52
C ASN C 108 -2.27 5.96 7.31
N GLY C 109 -2.02 6.86 8.26
CA GLY C 109 -3.04 7.53 9.07
C GLY C 109 -3.92 6.60 9.88
N SER C 110 -5.21 6.94 10.03
CA SER C 110 -6.15 6.10 10.78
C SER C 110 -6.96 5.16 9.88
N LEU C 111 -7.56 4.13 10.48
CA LEU C 111 -8.44 3.18 9.80
C LEU C 111 -9.70 3.92 9.30
N LEU C 112 -10.19 4.91 10.07
CA LEU C 112 -11.34 5.73 9.71
C LEU C 112 -11.08 6.46 8.37
N ASP C 113 -9.90 7.09 8.25
CA ASP C 113 -9.49 7.81 7.03
C ASP C 113 -9.33 6.88 5.83
N ARG C 114 -8.82 5.65 6.06
CA ARG C 114 -8.63 4.69 4.97
C ARG C 114 -9.92 4.05 4.52
N LEU C 115 -10.87 3.83 5.46
CA LEU C 115 -12.19 3.32 5.11
C LEU C 115 -13.00 4.36 4.32
N SER C 116 -12.72 5.66 4.54
CA SER C 116 -13.43 6.73 3.84
C SER C 116 -12.68 7.20 2.58
N CYS C 117 -11.52 6.56 2.26
CA CYS C 117 -10.64 6.82 1.10
C CYS C 117 -10.21 8.29 1.04
N LEU C 118 -9.93 8.86 2.20
CA LEU C 118 -9.53 10.24 2.38
C LEU C 118 -8.23 10.55 1.65
N ASP C 119 -8.21 11.72 0.98
CA ASP C 119 -7.08 12.27 0.21
C ASP C 119 -6.61 11.37 -0.95
N GLY C 120 -7.56 10.73 -1.63
CA GLY C 120 -7.30 9.89 -2.80
C GLY C 120 -6.70 8.51 -2.58
N THR C 121 -6.74 7.99 -1.35
CA THR C 121 -6.17 6.66 -1.09
C THR C 121 -7.12 5.57 -1.65
N PRO C 122 -6.58 4.49 -2.27
CA PRO C 122 -7.48 3.45 -2.82
C PRO C 122 -8.22 2.68 -1.73
N PRO C 123 -9.43 2.14 -1.99
CA PRO C 123 -10.14 1.38 -0.93
C PRO C 123 -9.33 0.20 -0.42
N LEU C 124 -9.45 -0.10 0.88
CA LEU C 124 -8.76 -1.24 1.48
C LEU C 124 -9.46 -2.51 1.01
N SER C 125 -8.67 -3.51 0.60
CA SER C 125 -9.21 -4.79 0.16
C SER C 125 -9.71 -5.56 1.39
N TRP C 126 -10.54 -6.59 1.16
CA TRP C 126 -11.07 -7.44 2.22
C TRP C 126 -9.95 -8.14 2.98
N HIS C 127 -8.91 -8.61 2.24
CA HIS C 127 -7.72 -9.26 2.78
C HIS C 127 -6.99 -8.34 3.78
N MET C 128 -6.78 -7.06 3.40
CA MET C 128 -6.13 -6.07 4.27
C MET C 128 -7.01 -5.77 5.48
N ARG C 129 -8.34 -5.67 5.28
CA ARG C 129 -9.31 -5.41 6.35
C ARG C 129 -9.30 -6.50 7.43
N CYS C 130 -9.14 -7.78 7.01
CA CYS C 130 -9.06 -8.93 7.92
C CYS C 130 -7.79 -8.89 8.76
N LYS C 131 -6.65 -8.53 8.15
CA LYS C 131 -5.36 -8.39 8.81
C LYS C 131 -5.39 -7.25 9.84
N ILE C 132 -6.08 -6.13 9.50
CA ILE C 132 -6.23 -4.95 10.36
C ILE C 132 -7.07 -5.31 11.60
N ALA C 133 -8.19 -6.03 11.40
CA ALA C 133 -9.09 -6.49 12.46
C ALA C 133 -8.35 -7.41 13.43
N GLN C 134 -7.51 -8.34 12.90
CA GLN C 134 -6.71 -9.27 13.69
C GLN C 134 -5.64 -8.51 14.49
N GLY C 135 -4.94 -7.59 13.83
CA GLY C 135 -3.93 -6.74 14.44
C GLY C 135 -4.49 -5.92 15.59
N ALA C 136 -5.64 -5.26 15.37
CA ALA C 136 -6.34 -4.45 16.39
C ALA C 136 -6.77 -5.31 17.60
N ALA C 137 -7.29 -6.53 17.36
CA ALA C 137 -7.69 -7.48 18.40
C ALA C 137 -6.50 -7.92 19.24
N ASN C 138 -5.31 -8.10 18.61
CA ASN C 138 -4.07 -8.48 19.29
C ASN C 138 -3.59 -7.36 20.22
N GLY C 139 -3.79 -6.10 19.80
CA GLY C 139 -3.45 -4.92 20.58
C GLY C 139 -4.32 -4.76 21.81
N ILE C 140 -5.66 -4.91 21.64
CA ILE C 140 -6.63 -4.84 22.75
C ILE C 140 -6.36 -5.98 23.74
N ASN C 141 -6.03 -7.18 23.22
CA ASN C 141 -5.71 -8.36 24.03
C ASN C 141 -4.53 -8.10 24.95
N PHE C 142 -3.47 -7.44 24.42
CA PHE C 142 -2.28 -7.08 25.20
C PHE C 142 -2.63 -6.11 26.32
N LEU C 143 -3.48 -5.11 26.01
CA LEU C 143 -3.95 -4.12 27.01
C LEU C 143 -4.74 -4.78 28.14
N HIS C 144 -5.64 -5.71 27.79
CA HIS C 144 -6.47 -6.45 28.76
C HIS C 144 -5.65 -7.42 29.61
N GLU C 145 -4.61 -8.06 29.02
CA GLU C 145 -3.68 -8.97 29.72
C GLU C 145 -2.86 -8.19 30.75
N ASN C 146 -2.59 -6.91 30.47
CA ASN C 146 -1.87 -5.98 31.35
C ASN C 146 -2.84 -5.17 32.23
N HIS C 147 -4.07 -5.69 32.41
CA HIS C 147 -5.16 -5.16 33.23
C HIS C 147 -5.49 -3.68 32.94
N HIS C 148 -5.56 -3.32 31.65
CA HIS C 148 -5.90 -1.97 31.21
C HIS C 148 -7.12 -1.96 30.31
N ILE C 149 -8.05 -1.03 30.58
CA ILE C 149 -9.26 -0.83 29.78
C ILE C 149 -8.97 0.42 28.95
N HIS C 150 -9.14 0.34 27.62
CA HIS C 150 -8.87 1.46 26.72
C HIS C 150 -9.84 2.63 26.92
N ARG C 151 -11.16 2.33 26.92
CA ARG C 151 -12.31 3.25 27.11
C ARG C 151 -12.68 4.10 25.87
N ASP C 152 -11.85 4.10 24.81
CA ASP C 152 -12.16 4.88 23.60
C ASP C 152 -11.75 4.14 22.32
N ILE C 153 -12.18 2.87 22.20
CA ILE C 153 -11.91 2.07 21.01
C ILE C 153 -12.82 2.57 19.88
N LYS C 154 -12.19 2.94 18.76
CA LYS C 154 -12.83 3.45 17.55
C LYS C 154 -11.85 3.41 16.39
N SER C 155 -12.36 3.48 15.13
CA SER C 155 -11.53 3.44 13.93
C SER C 155 -10.52 4.62 13.84
N ALA C 156 -10.86 5.79 14.42
CA ALA C 156 -9.95 6.94 14.46
C ALA C 156 -8.76 6.64 15.41
N ASN C 157 -8.94 5.70 16.37
CA ASN C 157 -7.89 5.32 17.33
C ASN C 157 -7.14 4.04 16.91
N ILE C 158 -7.32 3.62 15.65
CA ILE C 158 -6.59 2.49 15.08
C ILE C 158 -5.76 3.07 13.96
N LEU C 159 -4.46 3.22 14.21
CA LEU C 159 -3.52 3.77 13.26
C LEU C 159 -2.88 2.71 12.38
N LEU C 160 -2.35 3.13 11.23
CA LEU C 160 -1.75 2.20 10.27
C LEU C 160 -0.37 2.62 9.83
N ASP C 161 0.62 1.74 10.03
CA ASP C 161 2.00 2.01 9.62
C ASP C 161 2.20 1.77 8.10
N GLU C 162 3.46 1.82 7.61
CA GLU C 162 3.82 1.63 6.20
C GLU C 162 3.26 0.35 5.57
N ALA C 163 3.25 -0.77 6.32
CA ALA C 163 2.74 -2.08 5.89
C ALA C 163 1.27 -2.32 6.28
N PHE C 164 0.57 -1.29 6.79
CA PHE C 164 -0.83 -1.31 7.22
C PHE C 164 -1.05 -2.18 8.48
N THR C 165 -0.02 -2.23 9.35
CA THR C 165 -0.09 -2.91 10.64
C THR C 165 -0.93 -2.00 11.52
N ALA C 166 -1.97 -2.56 12.17
CA ALA C 166 -2.88 -1.84 13.05
C ALA C 166 -2.18 -1.48 14.35
N LYS C 167 -2.31 -0.21 14.76
CA LYS C 167 -1.72 0.32 15.99
C LYS C 167 -2.82 0.95 16.84
N ILE C 168 -3.14 0.35 18.00
CA ILE C 168 -4.12 0.89 18.95
C ILE C 168 -3.51 2.18 19.52
N SER C 169 -4.30 3.26 19.56
CA SER C 169 -3.86 4.59 19.92
C SER C 169 -4.75 5.30 20.93
N ASP C 170 -4.20 6.36 21.59
CA ASP C 170 -4.85 7.23 22.58
C ASP C 170 -5.21 6.49 23.88
N PHE C 171 -4.25 6.46 24.81
CA PHE C 171 -4.38 5.79 26.13
C PHE C 171 -4.59 6.81 27.27
N GLY C 172 -5.01 8.02 26.90
CA GLY C 172 -5.27 9.12 27.83
C GLY C 172 -6.44 8.84 28.77
N LEU C 173 -7.43 8.07 28.28
CA LEU C 173 -8.60 7.72 29.07
C LEU C 173 -8.52 6.27 29.61
N ALA C 174 -7.38 5.57 29.40
CA ALA C 174 -7.17 4.19 29.86
C ALA C 174 -7.23 4.03 31.37
N ARG C 175 -7.80 2.91 31.85
CA ARG C 175 -7.93 2.63 33.29
C ARG C 175 -7.31 1.31 33.70
N ALA C 176 -6.52 1.33 34.78
CA ALA C 176 -5.85 0.15 35.34
C ALA C 176 -6.77 -0.62 36.28
N VAL C 184 -16.99 -1.13 38.44
CA VAL C 184 -16.38 0.18 38.72
C VAL C 184 -17.21 1.29 38.05
N MET C 185 -17.53 2.35 38.81
CA MET C 185 -18.31 3.50 38.33
C MET C 185 -17.49 4.79 38.27
N TPO C 186 -17.94 5.78 37.47
CA TPO C 186 -17.28 7.08 37.32
CB TPO C 186 -16.20 7.00 36.21
CG2 TPO C 186 -16.30 7.81 34.91
OG1 TPO C 186 -14.86 7.15 36.83
P TPO C 186 -14.23 8.46 37.39
O1P TPO C 186 -13.11 8.02 38.32
O2P TPO C 186 -13.64 9.30 36.27
O3P TPO C 186 -15.15 9.34 38.24
C TPO C 186 -18.28 8.21 37.13
O TPO C 186 -19.34 8.02 36.53
N SEP C 187 -17.93 9.41 37.64
CA SEP C 187 -18.74 10.64 37.56
CB SEP C 187 -18.23 11.68 38.56
OG SEP C 187 -18.25 11.30 39.94
C SEP C 187 -18.61 11.33 36.20
O SEP C 187 -19.58 11.93 35.72
P SEP C 187 -17.64 12.41 40.84
O1P SEP C 187 -17.92 12.06 42.30
O2P SEP C 187 -16.12 12.48 40.65
O3P SEP C 187 -18.25 13.80 40.61
N ARG C 188 -17.40 11.27 35.59
CA ARG C 188 -17.10 11.91 34.30
C ARG C 188 -17.13 10.92 33.12
N ILE C 189 -18.31 10.76 32.48
CA ILE C 189 -18.52 9.87 31.33
C ILE C 189 -17.72 10.39 30.13
N VAL C 190 -16.75 9.58 29.67
CA VAL C 190 -15.83 9.91 28.57
C VAL C 190 -15.78 8.82 27.50
N GLY C 191 -15.60 9.24 26.25
CA GLY C 191 -15.52 8.37 25.08
C GLY C 191 -16.29 8.93 23.88
N THR C 192 -16.40 8.13 22.80
CA THR C 192 -17.11 8.52 21.59
C THR C 192 -18.44 7.77 21.50
N THR C 193 -19.51 8.56 21.67
CA THR C 193 -20.93 8.21 21.76
C THR C 193 -21.36 7.10 20.76
N ALA C 194 -21.00 7.24 19.48
CA ALA C 194 -21.36 6.31 18.41
C ALA C 194 -20.77 4.89 18.57
N TYR C 195 -19.69 4.75 19.37
CA TYR C 195 -18.97 3.50 19.61
C TYR C 195 -19.20 2.90 20.99
N MET C 196 -19.55 3.76 21.96
CA MET C 196 -19.73 3.40 23.38
C MET C 196 -20.78 2.35 23.66
N ALA C 197 -20.49 1.47 24.63
CA ALA C 197 -21.40 0.42 25.10
C ALA C 197 -22.54 1.07 25.92
N PRO C 198 -23.76 0.48 26.02
CA PRO C 198 -24.82 1.10 26.82
C PRO C 198 -24.39 1.40 28.27
N GLU C 199 -23.71 0.44 28.94
CA GLU C 199 -23.24 0.61 30.31
C GLU C 199 -22.14 1.68 30.45
N ALA C 200 -21.34 1.90 29.39
CA ALA C 200 -20.29 2.91 29.36
C ALA C 200 -20.92 4.31 29.33
N LEU C 201 -22.07 4.45 28.64
CA LEU C 201 -22.83 5.70 28.56
C LEU C 201 -23.47 6.02 29.92
N ARG C 202 -23.66 5.00 30.77
CA ARG C 202 -24.21 5.15 32.13
C ARG C 202 -23.13 5.69 33.07
N GLY C 203 -21.91 5.17 32.90
CA GLY C 203 -20.78 5.51 33.76
C GLY C 203 -20.00 4.32 34.26
N GLU C 204 -20.31 3.10 33.76
CA GLU C 204 -19.59 1.88 34.14
C GLU C 204 -18.26 1.78 33.40
N ILE C 205 -17.24 1.27 34.10
CA ILE C 205 -15.89 1.01 33.56
C ILE C 205 -15.65 -0.49 33.64
N THR C 206 -15.62 -1.15 32.47
CA THR C 206 -15.43 -2.60 32.35
C THR C 206 -14.69 -2.95 31.05
N PRO C 207 -13.81 -3.99 31.02
CA PRO C 207 -13.14 -4.35 29.75
C PRO C 207 -14.11 -4.84 28.67
N LYS C 208 -15.35 -5.18 29.07
CA LYS C 208 -16.44 -5.64 28.19
C LYS C 208 -16.95 -4.48 27.32
N SER C 209 -16.76 -3.23 27.76
CA SER C 209 -17.15 -2.03 27.01
C SER C 209 -16.24 -1.88 25.78
N ASP C 210 -14.95 -2.25 25.92
CA ASP C 210 -13.95 -2.24 24.84
C ASP C 210 -14.36 -3.23 23.75
N ILE C 211 -14.93 -4.39 24.15
CA ILE C 211 -15.43 -5.45 23.26
C ILE C 211 -16.56 -4.92 22.39
N TYR C 212 -17.54 -4.22 23.01
CA TYR C 212 -18.69 -3.62 22.32
C TYR C 212 -18.21 -2.63 21.26
N SER C 213 -17.28 -1.73 21.64
CA SER C 213 -16.71 -0.70 20.75
C SER C 213 -15.95 -1.35 19.59
N PHE C 214 -15.26 -2.49 19.85
CA PHE C 214 -14.56 -3.23 18.79
C PHE C 214 -15.56 -3.81 17.79
N GLY C 215 -16.74 -4.18 18.26
CA GLY C 215 -17.84 -4.67 17.43
C GLY C 215 -18.31 -3.63 16.43
N VAL C 216 -18.39 -2.35 16.88
CA VAL C 216 -18.76 -1.21 16.03
C VAL C 216 -17.69 -1.02 14.93
N VAL C 217 -16.40 -1.14 15.31
CA VAL C 217 -15.26 -1.05 14.41
C VAL C 217 -15.36 -2.14 13.33
N LEU C 218 -15.72 -3.38 13.72
CA LEU C 218 -15.90 -4.50 12.80
C LEU C 218 -17.02 -4.21 11.79
N LEU C 219 -18.12 -3.55 12.23
CA LEU C 219 -19.22 -3.15 11.35
C LEU C 219 -18.74 -2.10 10.34
N GLU C 220 -17.86 -1.16 10.78
CA GLU C 220 -17.29 -0.13 9.91
C GLU C 220 -16.39 -0.77 8.88
N ILE C 221 -15.63 -1.81 9.27
CA ILE C 221 -14.72 -2.56 8.39
C ILE C 221 -15.51 -3.27 7.26
N ILE C 222 -16.64 -3.91 7.63
CA ILE C 222 -17.51 -4.64 6.69
C ILE C 222 -18.25 -3.71 5.71
N THR C 223 -18.83 -2.63 6.23
CA THR C 223 -19.66 -1.69 5.49
C THR C 223 -18.92 -0.52 4.83
N GLY C 224 -17.79 -0.13 5.40
CA GLY C 224 -17.02 1.03 4.95
C GLY C 224 -17.72 2.32 5.33
N LEU C 225 -18.71 2.21 6.23
CA LEU C 225 -19.52 3.32 6.72
C LEU C 225 -19.07 3.73 8.10
N PRO C 226 -18.90 5.04 8.38
CA PRO C 226 -18.54 5.46 9.74
C PRO C 226 -19.67 5.18 10.72
N ALA C 227 -19.34 5.01 12.00
CA ALA C 227 -20.28 4.73 13.10
C ALA C 227 -21.39 5.76 13.21
N VAL C 228 -21.07 7.03 12.92
CA VAL C 228 -21.99 8.16 12.90
C VAL C 228 -21.76 9.03 11.66
N ASP C 229 -22.85 9.42 11.00
CA ASP C 229 -22.85 10.29 9.82
C ASP C 229 -24.12 11.08 9.89
N GLU C 230 -23.99 12.39 10.18
CA GLU C 230 -25.11 13.32 10.33
C GLU C 230 -25.94 13.49 9.05
N HIS C 231 -25.34 13.33 7.86
CA HIS C 231 -26.06 13.44 6.59
C HIS C 231 -26.50 12.06 6.07
N ARG C 232 -26.74 11.10 6.98
CA ARG C 232 -27.14 9.73 6.64
C ARG C 232 -28.40 9.29 7.40
N GLU C 233 -29.19 8.40 6.80
CA GLU C 233 -30.40 7.83 7.39
C GLU C 233 -30.28 6.28 7.38
N PRO C 234 -30.07 5.62 8.55
CA PRO C 234 -29.94 6.17 9.91
C PRO C 234 -28.56 6.78 10.17
N GLN C 235 -28.51 7.79 11.05
CA GLN C 235 -27.29 8.48 11.44
C GLN C 235 -26.28 7.55 12.11
N LEU C 236 -26.76 6.61 12.96
CA LEU C 236 -25.91 5.66 13.68
C LEU C 236 -25.88 4.27 13.02
N LEU C 237 -24.66 3.71 12.87
CA LEU C 237 -24.39 2.39 12.28
C LEU C 237 -24.97 1.27 13.15
N LEU C 238 -25.18 1.55 14.44
CA LEU C 238 -25.80 0.66 15.44
C LEU C 238 -27.28 0.44 15.11
N ASP C 239 -27.97 1.47 14.56
CA ASP C 239 -29.37 1.39 14.11
C ASP C 239 -29.47 0.52 12.84
N ILE C 240 -28.38 0.46 12.03
CA ILE C 240 -28.27 -0.35 10.82
C ILE C 240 -28.22 -1.85 11.22
N LYS C 241 -27.48 -2.18 12.29
CA LYS C 241 -27.30 -3.54 12.81
C LYS C 241 -28.62 -4.22 13.18
N GLU C 242 -29.60 -3.45 13.72
CA GLU C 242 -30.91 -3.96 14.13
C GLU C 242 -31.81 -4.36 12.95
N GLU C 243 -31.57 -3.73 11.78
CA GLU C 243 -32.27 -4.00 10.52
C GLU C 243 -32.01 -5.43 10.02
N ILE C 244 -30.81 -5.99 10.31
CA ILE C 244 -30.43 -7.36 9.95
C ILE C 244 -31.18 -8.36 10.86
N GLU C 245 -31.19 -8.11 12.19
CA GLU C 245 -31.86 -8.97 13.18
C GLU C 245 -33.38 -8.99 12.99
N ASP C 246 -33.98 -7.84 12.62
CA ASP C 246 -35.43 -7.71 12.38
C ASP C 246 -35.82 -8.20 10.97
N GLU C 247 -34.85 -8.80 10.24
CA GLU C 247 -34.95 -9.39 8.89
C GLU C 247 -35.37 -8.39 7.79
N GLU C 248 -35.19 -7.07 8.05
CA GLU C 248 -35.51 -6.00 7.10
C GLU C 248 -34.48 -6.01 5.96
N LYS C 249 -33.20 -6.29 6.31
CA LYS C 249 -32.05 -6.36 5.41
C LYS C 249 -31.13 -7.53 5.82
N THR C 250 -30.04 -7.75 5.05
CA THR C 250 -29.01 -8.77 5.33
C THR C 250 -27.66 -8.07 5.36
N ILE C 251 -26.59 -8.79 5.77
CA ILE C 251 -25.21 -8.29 5.82
C ILE C 251 -24.73 -8.00 4.39
N GLU C 252 -25.16 -8.85 3.44
CA GLU C 252 -24.85 -8.80 2.02
C GLU C 252 -25.25 -7.47 1.39
N ASP C 253 -26.39 -6.90 1.84
CA ASP C 253 -26.90 -5.61 1.37
C ASP C 253 -26.03 -4.45 1.84
N TYR C 254 -25.30 -4.64 2.97
CA TYR C 254 -24.46 -3.59 3.57
C TYR C 254 -22.96 -3.76 3.33
N ILE C 255 -22.50 -4.85 2.68
CA ILE C 255 -21.06 -5.05 2.38
C ILE C 255 -20.57 -3.86 1.55
N ASP C 256 -19.41 -3.29 1.95
CA ASP C 256 -18.78 -2.17 1.27
C ASP C 256 -18.63 -2.48 -0.23
N LYS C 257 -19.29 -1.67 -1.08
CA LYS C 257 -19.25 -1.82 -2.54
C LYS C 257 -17.90 -1.41 -3.13
N LYS C 258 -17.03 -0.80 -2.30
CA LYS C 258 -15.69 -0.38 -2.68
C LYS C 258 -14.66 -1.52 -2.57
N MET C 259 -15.11 -2.76 -2.36
CA MET C 259 -14.27 -3.95 -2.33
C MET C 259 -14.60 -4.84 -3.52
N ASN C 260 -13.61 -5.60 -4.01
CA ASN C 260 -13.80 -6.55 -5.12
C ASN C 260 -13.45 -8.00 -4.71
N ASP C 261 -12.84 -8.17 -3.52
CA ASP C 261 -12.36 -9.46 -3.00
C ASP C 261 -13.08 -9.97 -1.76
N ALA C 262 -14.24 -9.39 -1.41
CA ALA C 262 -15.00 -9.84 -0.25
C ALA C 262 -15.80 -11.10 -0.58
N ASP C 263 -15.57 -12.18 0.18
CA ASP C 263 -16.31 -13.43 -0.02
C ASP C 263 -17.34 -13.55 1.10
N SER C 264 -18.56 -14.02 0.75
CA SER C 264 -19.69 -14.16 1.66
C SER C 264 -19.39 -14.89 2.97
N THR C 265 -18.60 -15.99 2.92
CA THR C 265 -18.26 -16.83 4.07
C THR C 265 -17.46 -16.08 5.14
N SER C 266 -16.33 -15.44 4.77
CA SER C 266 -15.51 -14.68 5.73
C SER C 266 -16.17 -13.39 6.20
N VAL C 267 -17.03 -12.76 5.36
CA VAL C 267 -17.77 -11.54 5.73
C VAL C 267 -18.80 -11.90 6.81
N GLU C 268 -19.54 -13.02 6.61
CA GLU C 268 -20.52 -13.53 7.57
C GLU C 268 -19.84 -13.94 8.87
N ALA C 269 -18.60 -14.48 8.77
CA ALA C 269 -17.77 -14.87 9.91
C ALA C 269 -17.39 -13.64 10.76
N MET C 270 -16.96 -12.52 10.10
CA MET C 270 -16.62 -11.28 10.81
C MET C 270 -17.88 -10.64 11.40
N TYR C 271 -19.02 -10.69 10.67
CA TYR C 271 -20.29 -10.15 11.16
C TYR C 271 -20.76 -10.91 12.39
N SER C 272 -20.55 -12.24 12.43
CA SER C 272 -20.91 -13.09 13.57
C SER C 272 -20.15 -12.65 14.83
N VAL C 273 -18.85 -12.32 14.68
CA VAL C 273 -17.97 -11.82 15.75
C VAL C 273 -18.51 -10.45 16.23
N ALA C 274 -18.80 -9.54 15.27
CA ALA C 274 -19.34 -8.20 15.52
C ALA C 274 -20.66 -8.28 16.28
N SER C 275 -21.58 -9.17 15.84
CA SER C 275 -22.88 -9.41 16.45
C SER C 275 -22.74 -9.88 17.90
N GLN C 276 -21.77 -10.78 18.18
CA GLN C 276 -21.48 -11.31 19.52
C GLN C 276 -20.91 -10.20 20.42
N CYS C 277 -20.06 -9.33 19.85
CA CYS C 277 -19.45 -8.18 20.54
C CYS C 277 -20.51 -7.15 20.92
N LEU C 278 -21.55 -7.00 20.07
CA LEU C 278 -22.58 -5.98 20.22
C LEU C 278 -23.81 -6.41 21.05
N HIS C 279 -23.68 -7.47 21.88
CA HIS C 279 -24.73 -7.92 22.80
C HIS C 279 -24.93 -6.78 23.80
N GLU C 280 -26.18 -6.36 24.03
CA GLU C 280 -26.49 -5.26 24.96
C GLU C 280 -26.11 -5.62 26.39
N LYS C 281 -26.25 -6.90 26.73
CA LYS C 281 -25.87 -7.52 28.01
C LYS C 281 -24.35 -7.75 27.95
N LYS C 282 -23.60 -7.03 28.82
CA LYS C 282 -22.13 -7.12 28.86
C LYS C 282 -21.57 -8.52 29.15
N ASN C 283 -22.30 -9.33 29.95
CA ASN C 283 -21.85 -10.68 30.32
C ASN C 283 -21.97 -11.70 29.18
N LYS C 284 -22.83 -11.42 28.18
CA LYS C 284 -23.06 -12.29 27.03
C LYS C 284 -22.01 -12.06 25.92
N ARG C 285 -21.27 -10.94 26.01
CA ARG C 285 -20.21 -10.58 25.07
C ARG C 285 -18.99 -11.49 25.27
N PRO C 286 -18.27 -11.89 24.19
CA PRO C 286 -17.08 -12.73 24.39
C PRO C 286 -15.90 -11.90 24.92
N ASP C 287 -14.93 -12.54 25.57
CA ASP C 287 -13.74 -11.82 26.02
C ASP C 287 -12.83 -11.59 24.80
N ILE C 288 -11.82 -10.72 24.92
CA ILE C 288 -10.93 -10.38 23.80
C ILE C 288 -10.17 -11.62 23.25
N LYS C 289 -9.83 -12.59 24.12
CA LYS C 289 -9.15 -13.82 23.71
C LYS C 289 -10.02 -14.65 22.75
N LYS C 290 -11.34 -14.70 23.00
CA LYS C 290 -12.31 -15.40 22.14
C LYS C 290 -12.48 -14.65 20.82
N VAL C 291 -12.52 -13.29 20.85
CA VAL C 291 -12.63 -12.42 19.67
C VAL C 291 -11.41 -12.68 18.76
N GLN C 292 -10.20 -12.71 19.36
CA GLN C 292 -8.92 -12.99 18.71
C GLN C 292 -8.95 -14.38 18.04
N GLN C 293 -9.50 -15.39 18.75
CA GLN C 293 -9.65 -16.78 18.29
C GLN C 293 -10.58 -16.86 17.07
N LEU C 294 -11.76 -16.20 17.14
CA LEU C 294 -12.75 -16.20 16.06
C LEU C 294 -12.25 -15.48 14.80
N LEU C 295 -11.43 -14.41 14.98
CA LEU C 295 -10.87 -13.66 13.86
C LEU C 295 -9.78 -14.45 13.14
N GLN C 296 -9.03 -15.31 13.87
CA GLN C 296 -7.98 -16.16 13.27
C GLN C 296 -8.62 -17.30 12.48
N GLU C 297 -9.74 -17.87 13.00
CA GLU C 297 -10.51 -18.95 12.37
C GLU C 297 -11.17 -18.47 11.06
N MET C 298 -11.54 -17.17 11.01
CA MET C 298 -12.16 -16.49 9.88
C MET C 298 -11.27 -16.57 8.62
N THR C 299 -9.94 -16.41 8.79
CA THR C 299 -8.95 -16.50 7.72
C THR C 299 -8.28 -17.87 7.76
N ARG D 5 -2.19 20.95 -26.10
CA ARG D 5 -3.06 20.23 -25.17
C ARG D 5 -2.43 20.11 -23.76
N PHE D 6 -1.09 20.18 -23.67
CA PHE D 6 -0.32 20.19 -22.42
C PHE D 6 -0.13 21.64 -21.99
N HIS D 7 0.04 21.88 -20.68
CA HIS D 7 0.21 23.23 -20.14
C HIS D 7 1.62 23.77 -20.42
N SER D 8 1.69 25.00 -20.92
CA SER D 8 2.97 25.66 -21.21
C SER D 8 3.41 26.45 -19.97
N PHE D 9 4.43 25.95 -19.26
CA PHE D 9 4.96 26.60 -18.07
C PHE D 9 6.15 27.46 -18.43
N SER D 10 6.29 28.60 -17.75
CA SER D 10 7.45 29.46 -17.86
C SER D 10 8.46 28.88 -16.86
N PHE D 11 9.79 28.96 -17.16
CA PHE D 11 10.82 28.40 -16.28
C PHE D 11 10.79 28.95 -14.84
N TYR D 12 10.43 30.25 -14.66
CA TYR D 12 10.34 30.91 -13.35
C TYR D 12 9.32 30.24 -12.41
N GLU D 13 8.17 29.79 -12.96
CA GLU D 13 7.10 29.11 -12.24
C GLU D 13 7.61 27.82 -11.63
N LEU D 14 8.35 27.04 -12.43
CA LEU D 14 8.91 25.75 -12.03
C LEU D 14 10.03 25.89 -11.03
N LYS D 15 10.74 27.04 -11.04
CA LYS D 15 11.79 27.33 -10.05
C LYS D 15 11.14 27.48 -8.68
N ASN D 16 10.04 28.25 -8.61
CA ASN D 16 9.25 28.49 -7.38
C ASN D 16 8.58 27.26 -6.80
N VAL D 17 8.22 26.26 -7.64
CA VAL D 17 7.50 25.07 -7.18
C VAL D 17 8.45 23.92 -6.77
N THR D 18 9.76 24.00 -7.11
CA THR D 18 10.78 23.00 -6.81
C THR D 18 11.86 23.51 -5.82
N ASN D 19 11.60 24.64 -5.12
CA ASN D 19 12.54 25.29 -4.20
C ASN D 19 13.88 25.60 -4.92
N ASN D 20 13.74 26.21 -6.12
CA ASN D 20 14.79 26.58 -7.07
C ASN D 20 15.64 25.37 -7.48
N PHE D 21 14.97 24.27 -7.88
CA PHE D 21 15.58 23.01 -8.31
C PHE D 21 16.64 22.54 -7.31
N ASP D 22 16.20 22.41 -6.05
CA ASP D 22 17.00 21.94 -4.93
C ASP D 22 17.51 20.52 -5.23
N GLU D 23 18.80 20.44 -5.64
CA GLU D 23 19.51 19.20 -6.05
C GLU D 23 19.76 18.21 -4.92
N ARG D 24 19.51 18.60 -3.66
CA ARG D 24 19.70 17.70 -2.53
C ARG D 24 18.59 16.63 -2.55
N PRO D 25 18.84 15.37 -2.14
CA PRO D 25 17.75 14.37 -2.13
C PRO D 25 16.61 14.72 -1.16
N ILE D 26 15.41 14.15 -1.37
CA ILE D 26 14.20 14.35 -0.53
C ILE D 26 14.53 14.06 0.95
N SER D 27 15.28 12.96 1.20
CA SER D 27 15.71 12.48 2.53
C SER D 27 16.54 13.50 3.32
N VAL D 28 17.28 14.40 2.63
CA VAL D 28 18.11 15.44 3.26
C VAL D 28 17.39 16.82 3.26
N GLY D 29 16.13 16.84 2.84
CA GLY D 29 15.31 18.05 2.82
C GLY D 29 15.29 18.81 1.52
N GLY D 30 15.78 18.18 0.46
CA GLY D 30 15.81 18.77 -0.87
C GLY D 30 14.63 18.38 -1.74
N ASN D 31 14.75 18.59 -3.06
CA ASN D 31 13.68 18.29 -4.02
C ASN D 31 14.06 17.19 -5.03
N LYS D 32 15.34 16.76 -5.08
CA LYS D 32 15.80 15.73 -6.00
C LYS D 32 15.24 14.34 -5.66
N MET D 33 14.56 13.72 -6.63
CA MET D 33 13.97 12.40 -6.52
C MET D 33 14.92 11.35 -7.10
N GLY D 34 15.67 11.74 -8.12
CA GLY D 34 16.62 10.87 -8.80
C GLY D 34 17.17 11.49 -10.07
N GLU D 35 18.02 10.75 -10.79
CA GLU D 35 18.64 11.22 -12.04
C GLU D 35 18.90 10.10 -13.03
N GLY D 36 18.93 10.48 -14.31
CA GLY D 36 19.23 9.62 -15.44
C GLY D 36 20.33 10.27 -16.28
N GLY D 37 20.63 9.68 -17.42
CA GLY D 37 21.65 10.21 -18.33
C GLY D 37 21.22 11.48 -19.05
N PHE D 38 19.90 11.74 -19.09
CA PHE D 38 19.30 12.89 -19.78
C PHE D 38 18.73 13.98 -18.87
N GLY D 39 18.75 13.75 -17.55
CA GLY D 39 18.24 14.75 -16.62
C GLY D 39 17.92 14.31 -15.21
N VAL D 40 17.73 15.31 -14.35
CA VAL D 40 17.44 15.16 -12.93
C VAL D 40 15.92 15.34 -12.72
N VAL D 41 15.33 14.50 -11.87
CA VAL D 41 13.91 14.53 -11.54
C VAL D 41 13.71 15.20 -10.17
N TYR D 42 12.83 16.20 -10.13
CA TYR D 42 12.55 16.97 -8.92
C TYR D 42 11.08 16.89 -8.54
N LYS D 43 10.81 16.91 -7.23
CA LYS D 43 9.47 16.94 -6.70
C LYS D 43 9.04 18.40 -6.67
N GLY D 44 7.82 18.66 -7.16
CA GLY D 44 7.24 19.98 -7.21
C GLY D 44 5.83 20.03 -6.67
N TYR D 45 5.36 21.23 -6.32
CA TYR D 45 4.01 21.44 -5.79
C TYR D 45 3.38 22.61 -6.54
N VAL D 46 2.49 22.29 -7.49
CA VAL D 46 1.77 23.27 -8.32
C VAL D 46 0.30 23.16 -7.89
N ASN D 47 -0.29 24.31 -7.48
CA ASN D 47 -1.67 24.40 -6.96
C ASN D 47 -1.74 23.57 -5.68
N ASN D 48 -2.66 22.59 -5.63
CA ASN D 48 -2.81 21.68 -4.51
C ASN D 48 -2.40 20.29 -5.01
N THR D 49 -1.40 20.22 -5.92
CA THR D 49 -0.95 18.97 -6.53
C THR D 49 0.57 18.78 -6.51
N THR D 50 1.00 17.56 -6.13
CA THR D 50 2.40 17.15 -6.18
C THR D 50 2.67 16.74 -7.64
N VAL D 51 3.80 17.20 -8.20
CA VAL D 51 4.20 16.90 -9.58
C VAL D 51 5.66 16.42 -9.62
N ALA D 52 6.02 15.80 -10.75
CA ALA D 52 7.37 15.36 -11.02
C ALA D 52 7.88 16.26 -12.15
N VAL D 53 9.00 16.98 -11.90
CA VAL D 53 9.58 17.89 -12.89
C VAL D 53 10.95 17.35 -13.31
N LYS D 54 11.07 16.98 -14.60
CA LYS D 54 12.34 16.51 -15.13
C LYS D 54 13.04 17.67 -15.83
N LYS D 55 14.16 18.11 -15.27
CA LYS D 55 14.95 19.17 -15.88
C LYS D 55 16.00 18.46 -16.74
N LEU D 56 15.92 18.63 -18.06
CA LEU D 56 16.84 18.00 -19.01
C LEU D 56 18.24 18.60 -18.95
N ALA D 57 19.25 17.73 -18.84
CA ALA D 57 20.67 18.11 -18.75
C ALA D 57 21.55 17.10 -19.49
N ASP D 61 26.22 11.75 -21.86
CA ASP D 61 27.24 12.04 -22.86
C ASP D 61 26.61 12.26 -24.25
N ILE D 62 25.71 13.27 -24.36
CA ILE D 62 25.00 13.62 -25.59
C ILE D 62 25.02 15.15 -25.86
N THR D 63 24.72 15.55 -27.11
CA THR D 63 24.69 16.95 -27.56
C THR D 63 23.40 17.66 -27.12
N THR D 64 23.39 19.01 -27.21
CA THR D 64 22.24 19.86 -26.86
C THR D 64 21.06 19.63 -27.81
N GLU D 65 21.35 19.38 -29.12
CA GLU D 65 20.35 19.11 -30.15
C GLU D 65 19.71 17.72 -29.93
N GLU D 66 20.52 16.73 -29.50
CA GLU D 66 20.05 15.37 -29.18
C GLU D 66 19.09 15.41 -27.99
N LEU D 67 19.40 16.28 -27.00
CA LEU D 67 18.60 16.51 -25.79
C LEU D 67 17.27 17.19 -26.16
N LYS D 68 17.27 18.07 -27.17
CA LYS D 68 16.08 18.75 -27.66
C LYS D 68 15.18 17.78 -28.43
N GLN D 69 15.78 16.81 -29.18
CA GLN D 69 15.04 15.79 -29.92
C GLN D 69 14.29 14.86 -28.97
N GLN D 70 14.91 14.51 -27.83
CA GLN D 70 14.30 13.66 -26.79
C GLN D 70 13.14 14.38 -26.08
N PHE D 71 13.25 15.73 -25.94
CA PHE D 71 12.22 16.61 -25.38
C PHE D 71 11.01 16.62 -26.32
N ASP D 72 11.25 16.85 -27.63
CA ASP D 72 10.24 16.88 -28.68
C ASP D 72 9.58 15.51 -28.86
N GLN D 73 10.37 14.42 -28.84
CA GLN D 73 9.88 13.05 -28.98
C GLN D 73 8.96 12.66 -27.82
N GLU D 74 9.32 13.06 -26.59
CA GLU D 74 8.51 12.78 -25.40
C GLU D 74 7.14 13.44 -25.53
N ILE D 75 7.10 14.73 -25.91
CA ILE D 75 5.86 15.50 -26.12
C ILE D 75 5.01 14.88 -27.26
N LYS D 76 5.65 14.52 -28.39
CA LYS D 76 5.01 13.91 -29.57
C LYS D 76 4.32 12.59 -29.24
N VAL D 77 5.05 11.67 -28.56
CA VAL D 77 4.55 10.35 -28.15
C VAL D 77 3.42 10.50 -27.11
N MET D 78 3.60 11.40 -26.10
CA MET D 78 2.62 11.66 -25.04
C MET D 78 1.30 12.22 -25.58
N ALA D 79 1.37 13.09 -26.62
CA ALA D 79 0.19 13.70 -27.26
C ALA D 79 -0.61 12.65 -28.05
N LYS D 80 0.08 11.65 -28.62
CA LYS D 80 -0.53 10.59 -29.43
C LYS D 80 -1.00 9.41 -28.57
N CYS D 81 -0.25 9.07 -27.52
CA CYS D 81 -0.52 7.91 -26.68
C CYS D 81 -0.95 8.26 -25.24
N GLN D 82 -2.25 8.03 -24.97
CA GLN D 82 -2.90 8.23 -23.68
C GLN D 82 -3.51 6.89 -23.30
N HIS D 83 -3.09 6.36 -22.15
CA HIS D 83 -3.52 5.07 -21.64
C HIS D 83 -3.29 5.04 -20.12
N GLU D 84 -4.13 4.31 -19.37
CA GLU D 84 -4.00 4.17 -17.91
C GLU D 84 -2.70 3.46 -17.49
N ASN D 85 -2.01 2.82 -18.43
CA ASN D 85 -0.76 2.13 -18.17
C ASN D 85 0.47 2.86 -18.76
N LEU D 86 0.33 4.16 -19.04
CA LEU D 86 1.38 5.06 -19.53
C LEU D 86 1.35 6.32 -18.68
N VAL D 87 2.52 6.78 -18.19
CA VAL D 87 2.59 8.00 -17.36
C VAL D 87 2.02 9.19 -18.11
N GLU D 88 1.33 10.09 -17.40
CA GLU D 88 0.74 11.25 -18.05
C GLU D 88 1.63 12.48 -17.92
N LEU D 89 1.81 13.18 -19.04
CA LEU D 89 2.54 14.44 -19.10
C LEU D 89 1.51 15.56 -18.88
N LEU D 90 1.78 16.47 -17.95
CA LEU D 90 0.89 17.59 -17.63
C LEU D 90 1.30 18.83 -18.40
N GLY D 91 2.60 19.01 -18.54
CA GLY D 91 3.13 20.17 -19.23
C GLY D 91 4.62 20.15 -19.48
N PHE D 92 5.14 21.31 -19.89
CA PHE D 92 6.53 21.48 -20.26
C PHE D 92 6.98 22.94 -20.13
N SER D 93 8.30 23.16 -20.22
CA SER D 93 8.94 24.46 -20.20
C SER D 93 10.09 24.44 -21.22
N SER D 94 10.12 25.43 -22.13
CA SER D 94 11.15 25.54 -23.16
C SER D 94 11.70 26.96 -23.32
N ASP D 95 11.22 27.91 -22.49
CA ASP D 95 11.68 29.30 -22.51
C ASP D 95 13.08 29.41 -21.88
N GLY D 96 13.95 30.18 -22.53
CA GLY D 96 15.33 30.35 -22.08
C GLY D 96 16.26 29.23 -22.51
N ASP D 97 17.19 28.85 -21.62
CA ASP D 97 18.22 27.85 -21.88
C ASP D 97 17.94 26.45 -21.29
N ASP D 98 16.83 26.28 -20.55
CA ASP D 98 16.49 25.00 -19.92
C ASP D 98 15.25 24.31 -20.50
N LEU D 99 15.22 22.97 -20.47
CA LEU D 99 14.08 22.20 -20.96
C LEU D 99 13.51 21.36 -19.82
N CYS D 100 12.24 21.58 -19.49
CA CYS D 100 11.56 20.86 -18.41
C CYS D 100 10.32 20.12 -18.89
N LEU D 101 10.04 18.98 -18.26
CA LEU D 101 8.88 18.16 -18.53
C LEU D 101 8.18 17.91 -17.20
N VAL D 102 6.88 18.24 -17.13
CA VAL D 102 6.08 18.10 -15.92
C VAL D 102 5.12 16.92 -16.06
N TYR D 103 5.15 16.00 -15.08
CA TYR D 103 4.33 14.79 -15.11
C TYR D 103 3.47 14.65 -13.87
N VAL D 104 2.47 13.77 -13.98
CA VAL D 104 1.61 13.36 -12.86
C VAL D 104 2.57 12.61 -11.90
N TYR D 105 2.51 12.93 -10.60
CA TYR D 105 3.35 12.30 -9.58
C TYR D 105 2.81 10.90 -9.26
N MET D 106 3.70 9.90 -9.25
CA MET D 106 3.39 8.50 -8.97
C MET D 106 3.88 8.21 -7.55
N PRO D 107 2.98 8.20 -6.54
CA PRO D 107 3.41 8.07 -5.15
C PRO D 107 4.19 6.80 -4.77
N ASN D 108 4.10 5.72 -5.55
CA ASN D 108 4.83 4.52 -5.18
C ASN D 108 6.10 4.29 -5.99
N GLY D 109 6.65 5.38 -6.55
CA GLY D 109 7.90 5.41 -7.30
C GLY D 109 7.99 4.40 -8.43
N SER D 110 9.17 3.79 -8.58
CA SER D 110 9.37 2.80 -9.64
C SER D 110 9.26 1.38 -9.09
N LEU D 111 9.05 0.43 -10.02
CA LEU D 111 9.00 -1.00 -9.72
C LEU D 111 10.36 -1.45 -9.17
N LEU D 112 11.46 -0.88 -9.69
CA LEU D 112 12.83 -1.17 -9.24
C LEU D 112 12.99 -0.84 -7.74
N ASP D 113 12.57 0.35 -7.29
CA ASP D 113 12.63 0.74 -5.88
C ASP D 113 11.75 -0.14 -4.99
N ARG D 114 10.55 -0.53 -5.48
CA ARG D 114 9.64 -1.36 -4.70
C ARG D 114 10.13 -2.79 -4.58
N LEU D 115 10.79 -3.31 -5.62
CA LEU D 115 11.38 -4.64 -5.58
C LEU D 115 12.60 -4.65 -4.62
N SER D 116 13.26 -3.49 -4.45
CA SER D 116 14.41 -3.32 -3.57
C SER D 116 14.01 -2.94 -2.12
N CYS D 117 12.70 -2.68 -1.88
CA CYS D 117 12.11 -2.25 -0.59
C CYS D 117 12.74 -0.97 -0.06
N LEU D 118 13.07 -0.07 -1.00
CA LEU D 118 13.69 1.21 -0.71
C LEU D 118 12.84 2.07 0.22
N ASP D 119 13.50 2.75 1.16
CA ASP D 119 12.93 3.68 2.13
C ASP D 119 11.83 3.05 3.02
N GLY D 120 12.05 1.80 3.42
CA GLY D 120 11.17 1.07 4.33
C GLY D 120 9.86 0.55 3.79
N THR D 121 9.68 0.49 2.47
CA THR D 121 8.42 -0.01 1.91
C THR D 121 8.34 -1.54 2.04
N PRO D 122 7.17 -2.11 2.39
CA PRO D 122 7.08 -3.58 2.53
C PRO D 122 7.26 -4.32 1.19
N PRO D 123 7.78 -5.56 1.17
CA PRO D 123 7.93 -6.27 -0.12
C PRO D 123 6.61 -6.45 -0.84
N LEU D 124 6.65 -6.37 -2.19
CA LEU D 124 5.44 -6.55 -3.01
C LEU D 124 5.07 -8.02 -2.97
N SER D 125 3.79 -8.32 -2.76
CA SER D 125 3.29 -9.70 -2.74
C SER D 125 3.28 -10.23 -4.18
N TRP D 126 3.21 -11.56 -4.33
CA TRP D 126 3.14 -12.22 -5.63
C TRP D 126 1.93 -11.76 -6.42
N HIS D 127 0.77 -11.63 -5.74
CA HIS D 127 -0.49 -11.16 -6.31
C HIS D 127 -0.33 -9.76 -6.93
N MET D 128 0.31 -8.82 -6.19
CA MET D 128 0.58 -7.46 -6.68
C MET D 128 1.56 -7.49 -7.86
N ARG D 129 2.59 -8.35 -7.78
CA ARG D 129 3.59 -8.51 -8.84
C ARG D 129 2.98 -8.98 -10.15
N CYS D 130 1.99 -9.89 -10.10
CA CYS D 130 1.27 -10.41 -11.26
C CYS D 130 0.44 -9.31 -11.92
N LYS D 131 -0.25 -8.47 -11.11
CA LYS D 131 -1.06 -7.34 -11.58
C LYS D 131 -0.17 -6.28 -12.24
N ILE D 132 1.03 -6.03 -11.68
CA ILE D 132 2.01 -5.06 -12.19
C ILE D 132 2.53 -5.52 -13.57
N ALA D 133 2.88 -6.82 -13.70
CA ALA D 133 3.36 -7.44 -14.93
C ALA D 133 2.30 -7.34 -16.04
N GLN D 134 1.02 -7.59 -15.69
CA GLN D 134 -0.12 -7.49 -16.62
C GLN D 134 -0.32 -6.04 -17.07
N GLY D 135 -0.29 -5.10 -16.12
CA GLY D 135 -0.42 -3.67 -16.38
C GLY D 135 0.68 -3.14 -17.28
N ALA D 136 1.95 -3.55 -17.03
CA ALA D 136 3.11 -3.15 -17.84
C ALA D 136 3.01 -3.69 -19.26
N ALA D 137 2.53 -4.95 -19.43
CA ALA D 137 2.32 -5.59 -20.74
C ALA D 137 1.22 -4.86 -21.52
N ASN D 138 0.15 -4.38 -20.83
CA ASN D 138 -0.95 -3.63 -21.44
C ASN D 138 -0.46 -2.27 -21.96
N GLY D 139 0.47 -1.65 -21.24
CA GLY D 139 1.11 -0.39 -21.60
C GLY D 139 1.98 -0.50 -22.83
N ILE D 140 2.82 -1.57 -22.90
CA ILE D 140 3.71 -1.83 -24.05
C ILE D 140 2.85 -2.17 -25.28
N ASN D 141 1.76 -2.96 -25.08
CA ASN D 141 0.82 -3.33 -26.13
C ASN D 141 0.21 -2.10 -26.80
N PHE D 142 -0.20 -1.10 -25.99
CA PHE D 142 -0.77 0.15 -26.49
C PHE D 142 0.25 0.91 -27.35
N LEU D 143 1.52 0.96 -26.89
CA LEU D 143 2.62 1.62 -27.61
C LEU D 143 2.87 0.96 -28.97
N HIS D 144 2.89 -0.40 -29.00
CA HIS D 144 3.11 -1.18 -30.22
C HIS D 144 1.94 -1.07 -31.20
N GLU D 145 0.69 -0.99 -30.69
CA GLU D 145 -0.54 -0.83 -31.50
C GLU D 145 -0.53 0.55 -32.18
N ASN D 146 0.10 1.55 -31.53
CA ASN D 146 0.26 2.91 -32.02
C ASN D 146 1.59 3.09 -32.76
N HIS D 147 2.19 1.97 -33.21
CA HIS D 147 3.43 1.84 -33.98
C HIS D 147 4.63 2.57 -33.34
N HIS D 148 4.79 2.42 -32.02
CA HIS D 148 5.90 3.01 -31.27
C HIS D 148 6.72 1.94 -30.55
N ILE D 149 8.05 2.05 -30.67
CA ILE D 149 9.01 1.17 -29.98
C ILE D 149 9.54 2.01 -28.82
N HIS D 150 9.48 1.48 -27.58
CA HIS D 150 9.93 2.20 -26.39
C HIS D 150 11.45 2.44 -26.38
N ARG D 151 12.24 1.35 -26.60
CA ARG D 151 13.71 1.27 -26.66
C ARG D 151 14.42 1.29 -25.29
N ASP D 152 13.70 1.54 -24.18
CA ASP D 152 14.32 1.55 -22.84
C ASP D 152 13.41 0.94 -21.78
N ILE D 153 12.87 -0.27 -22.06
CA ILE D 153 12.02 -0.98 -21.11
C ILE D 153 12.92 -1.55 -20.00
N LYS D 154 12.57 -1.20 -18.76
CA LYS D 154 13.26 -1.60 -17.53
C LYS D 154 12.38 -1.29 -16.32
N SER D 155 12.66 -1.92 -15.17
CA SER D 155 11.90 -1.73 -13.92
C SER D 155 11.92 -0.28 -13.41
N ALA D 156 13.02 0.47 -13.68
CA ALA D 156 13.10 1.90 -13.30
C ALA D 156 12.13 2.74 -14.15
N ASN D 157 11.74 2.23 -15.35
CA ASN D 157 10.82 2.92 -16.25
C ASN D 157 9.36 2.41 -16.13
N ILE D 158 9.07 1.66 -15.06
CA ILE D 158 7.73 1.19 -14.75
C ILE D 158 7.39 1.85 -13.42
N LEU D 159 6.56 2.88 -13.48
CA LEU D 159 6.16 3.63 -12.30
C LEU D 159 4.87 3.11 -11.71
N LEU D 160 4.62 3.40 -10.41
CA LEU D 160 3.45 2.90 -9.70
C LEU D 160 2.69 4.03 -9.00
N ASP D 161 1.37 4.11 -9.24
CA ASP D 161 0.51 5.11 -8.60
C ASP D 161 0.09 4.66 -7.18
N GLU D 162 -0.89 5.36 -6.57
CA GLU D 162 -1.37 5.07 -5.21
C GLU D 162 -2.03 3.68 -5.09
N ALA D 163 -2.51 3.12 -6.21
CA ALA D 163 -3.14 1.80 -6.26
C ALA D 163 -2.20 0.71 -6.86
N PHE D 164 -0.92 1.07 -7.12
CA PHE D 164 0.14 0.23 -7.70
C PHE D 164 -0.18 -0.20 -9.14
N THR D 165 -0.86 0.69 -9.87
CA THR D 165 -1.19 0.52 -11.28
C THR D 165 0.13 0.81 -12.01
N ALA D 166 0.59 -0.16 -12.82
CA ALA D 166 1.86 -0.03 -13.55
C ALA D 166 1.73 1.04 -14.65
N LYS D 167 2.68 1.96 -14.71
CA LYS D 167 2.72 3.02 -15.71
C LYS D 167 4.09 3.07 -16.40
N ILE D 168 4.13 2.76 -17.71
CA ILE D 168 5.35 2.82 -18.53
C ILE D 168 5.75 4.30 -18.66
N SER D 169 7.05 4.59 -18.45
CA SER D 169 7.59 5.95 -18.51
C SER D 169 8.84 6.07 -19.39
N ASP D 170 9.26 7.33 -19.64
CA ASP D 170 10.42 7.76 -20.43
C ASP D 170 10.30 7.36 -21.91
N PHE D 171 9.65 8.24 -22.70
CA PHE D 171 9.42 8.05 -24.14
C PHE D 171 10.34 8.96 -24.99
N GLY D 172 11.43 9.43 -24.38
CA GLY D 172 12.44 10.29 -25.00
C GLY D 172 13.19 9.58 -26.12
N LEU D 173 13.39 8.26 -25.97
CA LEU D 173 14.08 7.40 -26.95
C LEU D 173 13.12 6.59 -27.84
N ALA D 174 11.80 6.81 -27.68
CA ALA D 174 10.78 6.10 -28.47
C ALA D 174 10.86 6.37 -29.97
N ARG D 175 10.60 5.34 -30.79
CA ARG D 175 10.66 5.46 -32.25
C ARG D 175 9.35 5.05 -32.93
N ALA D 176 8.88 5.89 -33.87
CA ALA D 176 7.66 5.67 -34.64
C ALA D 176 7.94 4.78 -35.86
N VAL D 184 15.47 -1.78 -39.18
CA VAL D 184 15.93 -0.39 -39.04
C VAL D 184 17.20 -0.35 -38.18
N MET D 185 18.23 0.37 -38.65
CA MET D 185 19.52 0.51 -37.96
C MET D 185 19.76 1.93 -37.45
N TPO D 186 20.67 2.07 -36.46
CA TPO D 186 21.06 3.34 -35.87
CB TPO D 186 20.23 3.77 -34.61
CG2 TPO D 186 20.39 2.87 -33.36
OG1 TPO D 186 20.50 5.14 -34.19
P TPO D 186 19.95 6.31 -35.06
O1P TPO D 186 19.59 7.44 -34.11
O2P TPO D 186 21.09 6.79 -35.97
O3P TPO D 186 18.76 5.98 -35.97
C TPO D 186 22.57 3.40 -35.59
O TPO D 186 23.20 2.37 -35.34
N SEP D 187 23.14 4.62 -35.64
CA SEP D 187 24.55 4.87 -35.37
CB SEP D 187 25.17 5.87 -36.36
OG SEP D 187 24.63 7.18 -36.16
C SEP D 187 24.75 5.25 -33.90
O SEP D 187 25.87 5.18 -33.39
P SEP D 187 25.09 8.16 -37.27
O1P SEP D 187 26.62 8.27 -37.43
O2P SEP D 187 24.56 9.53 -36.90
O3P SEP D 187 24.49 7.78 -38.63
N ARG D 188 23.65 5.65 -33.21
CA ARG D 188 23.64 6.01 -31.80
C ARG D 188 22.91 4.93 -30.98
N ILE D 189 23.67 3.98 -30.40
CA ILE D 189 23.12 2.90 -29.58
C ILE D 189 22.75 3.47 -28.20
N VAL D 190 21.44 3.43 -27.88
CA VAL D 190 20.87 3.98 -26.64
C VAL D 190 20.01 2.95 -25.89
N GLY D 191 20.04 3.03 -24.56
CA GLY D 191 19.29 2.14 -23.68
C GLY D 191 20.09 1.70 -22.46
N THR D 192 19.53 0.77 -21.67
CA THR D 192 20.18 0.23 -20.47
C THR D 192 20.69 -1.18 -20.74
N THR D 193 22.01 -1.29 -20.81
CA THR D 193 22.85 -2.45 -21.15
C THR D 193 22.34 -3.78 -20.53
N ALA D 194 22.03 -3.80 -19.23
CA ALA D 194 21.57 -4.99 -18.52
C ALA D 194 20.20 -5.54 -18.98
N TYR D 195 19.41 -4.71 -19.66
CA TYR D 195 18.06 -5.05 -20.14
C TYR D 195 17.99 -5.24 -21.66
N MET D 196 18.92 -4.61 -22.40
CA MET D 196 18.94 -4.59 -23.86
C MET D 196 19.07 -5.95 -24.53
N ALA D 197 18.36 -6.10 -25.67
CA ALA D 197 18.38 -7.29 -26.51
C ALA D 197 19.74 -7.37 -27.24
N PRO D 198 20.25 -8.57 -27.62
CA PRO D 198 21.54 -8.61 -28.35
C PRO D 198 21.57 -7.74 -29.59
N GLU D 199 20.50 -7.76 -30.42
CA GLU D 199 20.40 -6.96 -31.65
C GLU D 199 20.32 -5.45 -31.37
N ALA D 200 19.76 -5.07 -30.19
CA ALA D 200 19.65 -3.66 -29.78
C ALA D 200 21.04 -3.11 -29.44
N LEU D 201 21.91 -3.96 -28.86
CA LEU D 201 23.30 -3.61 -28.53
C LEU D 201 24.12 -3.44 -29.80
N ARG D 202 23.67 -4.06 -30.90
CA ARG D 202 24.31 -3.99 -32.21
C ARG D 202 23.96 -2.69 -32.93
N GLY D 203 22.72 -2.22 -32.72
CA GLY D 203 22.21 -1.00 -33.34
C GLY D 203 20.87 -1.15 -34.04
N GLU D 204 20.24 -2.34 -33.94
CA GLU D 204 18.93 -2.61 -34.55
C GLU D 204 17.81 -1.97 -33.72
N ILE D 205 16.77 -1.48 -34.41
CA ILE D 205 15.57 -0.90 -33.81
C ILE D 205 14.40 -1.77 -34.27
N THR D 206 13.81 -2.52 -33.33
CA THR D 206 12.69 -3.44 -33.58
C THR D 206 11.78 -3.55 -32.35
N PRO D 207 10.43 -3.69 -32.51
CA PRO D 207 9.57 -3.85 -31.32
C PRO D 207 9.85 -5.14 -30.52
N LYS D 208 10.58 -6.10 -31.15
CA LYS D 208 11.00 -7.36 -30.54
C LYS D 208 12.05 -7.15 -29.45
N SER D 209 12.80 -6.03 -29.51
CA SER D 209 13.80 -5.66 -28.51
C SER D 209 13.10 -5.29 -27.20
N ASP D 210 11.91 -4.64 -27.29
CA ASP D 210 11.06 -4.28 -26.15
C ASP D 210 10.60 -5.54 -25.42
N ILE D 211 10.29 -6.62 -26.18
CA ILE D 211 9.87 -7.93 -25.67
C ILE D 211 10.98 -8.55 -24.82
N TYR D 212 12.23 -8.54 -25.33
CA TYR D 212 13.41 -9.09 -24.64
C TYR D 212 13.62 -8.36 -23.31
N SER D 213 13.56 -7.01 -23.32
CA SER D 213 13.71 -6.17 -22.13
C SER D 213 12.62 -6.44 -21.11
N PHE D 214 11.38 -6.70 -21.59
CA PHE D 214 10.26 -7.04 -20.71
C PHE D 214 10.51 -8.39 -20.01
N GLY D 215 11.20 -9.30 -20.69
CA GLY D 215 11.58 -10.61 -20.17
C GLY D 215 12.55 -10.48 -18.99
N VAL D 216 13.47 -9.49 -19.05
CA VAL D 216 14.43 -9.18 -17.98
C VAL D 216 13.65 -8.66 -16.77
N VAL D 217 12.66 -7.78 -17.02
CA VAL D 217 11.77 -7.20 -16.01
C VAL D 217 11.01 -8.33 -15.27
N LEU D 218 10.50 -9.31 -16.03
CA LEU D 218 9.80 -10.47 -15.46
C LEU D 218 10.69 -11.28 -14.54
N LEU D 219 12.00 -11.43 -14.89
CA LEU D 219 12.99 -12.11 -14.06
C LEU D 219 13.23 -11.33 -12.77
N GLU D 220 13.26 -9.97 -12.84
CA GLU D 220 13.42 -9.09 -11.67
C GLU D 220 12.21 -9.20 -10.75
N ILE D 221 10.99 -9.34 -11.33
CA ILE D 221 9.73 -9.51 -10.59
C ILE D 221 9.74 -10.83 -9.79
N ILE D 222 10.17 -11.93 -10.43
CA ILE D 222 10.24 -13.27 -9.81
C ILE D 222 11.30 -13.35 -8.70
N THR D 223 12.50 -12.83 -8.97
CA THR D 223 13.67 -12.92 -8.09
C THR D 223 13.82 -11.80 -7.06
N GLY D 224 13.30 -10.61 -7.39
CA GLY D 224 13.46 -9.43 -6.55
C GLY D 224 14.89 -8.88 -6.65
N LEU D 225 15.66 -9.39 -7.63
CA LEU D 225 17.05 -9.02 -7.88
C LEU D 225 17.15 -8.05 -9.05
N PRO D 226 17.99 -6.98 -8.94
CA PRO D 226 18.16 -6.08 -10.09
C PRO D 226 18.86 -6.78 -11.26
N ALA D 227 18.63 -6.31 -12.49
CA ALA D 227 19.19 -6.86 -13.72
C ALA D 227 20.73 -6.90 -13.71
N VAL D 228 21.36 -5.92 -13.05
CA VAL D 228 22.81 -5.82 -12.88
C VAL D 228 23.15 -5.42 -11.43
N ASP D 229 24.15 -6.09 -10.87
CA ASP D 229 24.69 -5.84 -9.54
C ASP D 229 26.16 -6.21 -9.61
N GLU D 230 27.04 -5.20 -9.57
CA GLU D 230 28.49 -5.39 -9.68
C GLU D 230 29.09 -6.19 -8.52
N HIS D 231 28.46 -6.13 -7.32
CA HIS D 231 28.93 -6.89 -6.15
C HIS D 231 28.18 -8.22 -6.00
N ARG D 232 27.73 -8.80 -7.12
CA ARG D 232 26.99 -10.07 -7.16
C ARG D 232 27.59 -11.07 -8.15
N GLU D 233 27.43 -12.38 -7.87
CA GLU D 233 27.89 -13.47 -8.73
C GLU D 233 26.68 -14.37 -9.08
N PRO D 234 26.17 -14.35 -10.33
CA PRO D 234 26.62 -13.55 -11.49
C PRO D 234 26.14 -12.10 -11.44
N GLN D 235 26.92 -11.20 -12.05
CA GLN D 235 26.62 -9.77 -12.09
C GLN D 235 25.33 -9.45 -12.84
N LEU D 236 25.07 -10.17 -13.95
CA LEU D 236 23.88 -9.98 -14.78
C LEU D 236 22.85 -11.05 -14.51
N LEU D 237 21.58 -10.62 -14.34
CA LEU D 237 20.43 -11.49 -14.07
C LEU D 237 20.14 -12.41 -15.25
N LEU D 238 20.54 -11.99 -16.46
CA LEU D 238 20.43 -12.72 -17.72
C LEU D 238 21.11 -14.11 -17.65
N ASP D 239 22.23 -14.21 -16.90
CA ASP D 239 22.99 -15.44 -16.68
C ASP D 239 22.22 -16.54 -15.90
N ILE D 240 21.08 -16.18 -15.25
CA ILE D 240 20.26 -17.08 -14.45
C ILE D 240 19.48 -18.06 -15.34
N LYS D 241 18.93 -17.58 -16.49
CA LYS D 241 18.20 -18.35 -17.50
C LYS D 241 19.07 -19.51 -17.99
N GLU D 242 20.40 -19.25 -18.12
CA GLU D 242 21.40 -20.22 -18.54
C GLU D 242 21.61 -21.31 -17.50
N GLU D 243 21.68 -20.93 -16.21
CA GLU D 243 21.85 -21.86 -15.08
C GLU D 243 20.65 -22.79 -14.93
N ILE D 244 19.43 -22.29 -15.22
CA ILE D 244 18.18 -23.07 -15.15
C ILE D 244 18.13 -24.08 -16.31
N GLU D 245 18.42 -23.62 -17.55
CA GLU D 245 18.42 -24.44 -18.76
C GLU D 245 19.49 -25.53 -18.73
N ASP D 246 20.68 -25.22 -18.17
CA ASP D 246 21.79 -26.18 -18.03
C ASP D 246 21.62 -27.11 -16.82
N GLU D 247 20.44 -27.02 -16.15
CA GLU D 247 19.99 -27.81 -14.99
C GLU D 247 20.89 -27.65 -13.74
N GLU D 248 21.68 -26.55 -13.67
CA GLU D 248 22.55 -26.24 -12.54
C GLU D 248 21.69 -25.78 -11.34
N LYS D 249 20.59 -25.06 -11.62
CA LYS D 249 19.62 -24.54 -10.66
C LYS D 249 18.20 -24.62 -11.26
N THR D 250 17.18 -24.24 -10.46
CA THR D 250 15.77 -24.17 -10.88
C THR D 250 15.27 -22.75 -10.59
N ILE D 251 14.06 -22.39 -11.06
CA ILE D 251 13.47 -21.07 -10.79
C ILE D 251 13.10 -20.96 -9.31
N GLU D 252 12.75 -22.11 -8.68
CA GLU D 252 12.39 -22.27 -7.26
C GLU D 252 13.53 -21.79 -6.35
N ASP D 253 14.80 -22.02 -6.76
CA ASP D 253 15.99 -21.61 -6.04
C ASP D 253 16.19 -20.09 -6.09
N TYR D 254 15.62 -19.43 -7.12
CA TYR D 254 15.76 -17.99 -7.32
C TYR D 254 14.53 -17.15 -6.97
N ILE D 255 13.40 -17.77 -6.56
CA ILE D 255 12.17 -17.06 -6.16
C ILE D 255 12.52 -16.11 -5.02
N ASP D 256 12.06 -14.85 -5.11
CA ASP D 256 12.27 -13.83 -4.08
C ASP D 256 11.80 -14.36 -2.73
N LYS D 257 12.72 -14.47 -1.77
CA LYS D 257 12.44 -14.95 -0.41
C LYS D 257 11.62 -13.94 0.41
N LYS D 258 11.48 -12.71 -0.12
CA LYS D 258 10.72 -11.63 0.51
C LYS D 258 9.21 -11.72 0.21
N MET D 259 8.75 -12.84 -0.38
CA MET D 259 7.34 -13.10 -0.66
C MET D 259 6.88 -14.26 0.20
N ASN D 260 5.58 -14.29 0.57
CA ASN D 260 4.99 -15.38 1.35
C ASN D 260 3.82 -16.06 0.59
N ASP D 261 3.38 -15.46 -0.52
CA ASP D 261 2.23 -15.90 -1.32
C ASP D 261 2.56 -16.41 -2.73
N ALA D 262 3.84 -16.67 -3.03
CA ALA D 262 4.24 -17.16 -4.34
C ALA D 262 3.98 -18.65 -4.45
N ASP D 263 3.18 -19.06 -5.45
CA ASP D 263 2.91 -20.48 -5.68
C ASP D 263 3.71 -20.94 -6.89
N SER D 264 4.28 -22.15 -6.81
CA SER D 264 5.14 -22.75 -7.84
C SER D 264 4.56 -22.71 -9.26
N THR D 265 3.24 -22.99 -9.43
CA THR D 265 2.55 -23.05 -10.72
C THR D 265 2.57 -21.69 -11.45
N SER D 266 2.10 -20.60 -10.80
CA SER D 266 2.08 -19.28 -11.43
C SER D 266 3.47 -18.67 -11.61
N VAL D 267 4.43 -19.01 -10.72
CA VAL D 267 5.83 -18.54 -10.82
C VAL D 267 6.47 -19.18 -12.07
N GLU D 268 6.27 -20.51 -12.25
CA GLU D 268 6.76 -21.25 -13.42
C GLU D 268 6.11 -20.73 -14.69
N ALA D 269 4.82 -20.32 -14.62
CA ALA D 269 4.06 -19.74 -15.73
C ALA D 269 4.67 -18.39 -16.15
N MET D 270 5.04 -17.51 -15.18
CA MET D 270 5.68 -16.21 -15.48
C MET D 270 7.09 -16.44 -16.01
N TYR D 271 7.82 -17.43 -15.45
CA TYR D 271 9.17 -17.76 -15.91
C TYR D 271 9.14 -18.26 -17.36
N SER D 272 8.11 -19.04 -17.73
CA SER D 272 7.92 -19.57 -19.09
C SER D 272 7.77 -18.41 -20.09
N VAL D 273 7.02 -17.36 -19.72
CA VAL D 273 6.81 -16.13 -20.50
C VAL D 273 8.15 -15.41 -20.64
N ALA D 274 8.87 -15.23 -19.51
CA ALA D 274 10.18 -14.57 -19.46
C ALA D 274 11.19 -15.30 -20.37
N SER D 275 11.25 -16.64 -20.29
CA SER D 275 12.11 -17.51 -21.08
C SER D 275 11.84 -17.34 -22.58
N GLN D 276 10.55 -17.26 -22.98
CA GLN D 276 10.10 -17.06 -24.36
C GLN D 276 10.51 -15.67 -24.86
N CYS D 277 10.41 -14.65 -23.99
CA CYS D 277 10.79 -13.26 -24.26
C CYS D 277 12.30 -13.14 -24.47
N LEU D 278 13.09 -13.94 -23.73
CA LEU D 278 14.54 -13.89 -23.72
C LEU D 278 15.25 -14.77 -24.77
N HIS D 279 14.53 -15.19 -25.83
CA HIS D 279 15.11 -15.94 -26.94
C HIS D 279 16.11 -15.00 -27.63
N GLU D 280 17.33 -15.48 -27.90
CA GLU D 280 18.37 -14.66 -28.55
C GLU D 280 17.99 -14.25 -29.97
N LYS D 281 17.31 -15.16 -30.70
CA LYS D 281 16.79 -14.91 -32.06
C LYS D 281 15.46 -14.16 -31.91
N LYS D 282 15.43 -12.88 -32.35
CA LYS D 282 14.28 -11.97 -32.24
C LYS D 282 12.97 -12.52 -32.83
N ASN D 283 13.03 -13.31 -33.90
CA ASN D 283 11.86 -13.89 -34.56
C ASN D 283 11.20 -15.02 -33.77
N LYS D 284 11.93 -15.65 -32.83
CA LYS D 284 11.43 -16.73 -31.97
C LYS D 284 10.68 -16.19 -30.75
N ARG D 285 10.86 -14.89 -30.44
CA ARG D 285 10.21 -14.19 -29.32
C ARG D 285 8.72 -13.97 -29.63
N PRO D 286 7.82 -14.08 -28.63
CA PRO D 286 6.39 -13.81 -28.91
C PRO D 286 6.13 -12.31 -29.07
N ASP D 287 5.05 -11.93 -29.76
CA ASP D 287 4.69 -10.51 -29.86
C ASP D 287 4.04 -10.08 -28.54
N ILE D 288 3.88 -8.77 -28.31
CA ILE D 288 3.32 -8.25 -27.05
C ILE D 288 1.89 -8.77 -26.77
N LYS D 289 1.08 -8.98 -27.82
CA LYS D 289 -0.29 -9.51 -27.69
C LYS D 289 -0.28 -10.92 -27.09
N LYS D 290 0.69 -11.76 -27.50
CA LYS D 290 0.87 -13.13 -26.98
C LYS D 290 1.36 -13.07 -25.52
N VAL D 291 2.29 -12.15 -25.21
CA VAL D 291 2.82 -11.94 -23.85
C VAL D 291 1.66 -11.57 -22.91
N GLN D 292 0.80 -10.62 -23.35
CA GLN D 292 -0.41 -10.16 -22.66
C GLN D 292 -1.36 -11.34 -22.40
N GLN D 293 -1.55 -12.21 -23.42
CA GLN D 293 -2.39 -13.40 -23.38
C GLN D 293 -1.89 -14.42 -22.34
N LEU D 294 -0.58 -14.72 -22.36
CA LEU D 294 0.05 -15.66 -21.43
C LEU D 294 0.03 -15.18 -19.98
N LEU D 295 0.15 -13.85 -19.77
CA LEU D 295 0.12 -13.26 -18.43
C LEU D 295 -1.29 -13.29 -17.83
N GLN D 296 -2.34 -13.19 -18.68
CA GLN D 296 -3.73 -13.28 -18.22
C GLN D 296 -4.10 -14.72 -17.85
N GLU D 297 -3.60 -15.70 -18.63
CA GLU D 297 -3.80 -17.14 -18.40
C GLU D 297 -3.12 -17.60 -17.11
N MET D 298 -2.00 -16.95 -16.74
CA MET D 298 -1.19 -17.20 -15.54
C MET D 298 -2.04 -17.03 -14.26
N THR D 299 -2.91 -15.99 -14.23
CA THR D 299 -3.81 -15.70 -13.11
C THR D 299 -5.20 -16.21 -13.45
S SO4 E . 23.33 -23.75 13.61
O1 SO4 E . 23.88 -24.75 12.68
O2 SO4 E . 22.91 -24.42 14.84
O3 SO4 E . 22.18 -23.09 12.99
O4 SO4 E . 24.35 -22.76 13.91
S SO4 F . 42.00 -14.65 28.56
O1 SO4 F . 41.82 -14.55 30.01
O2 SO4 F . 41.58 -15.98 28.10
O3 SO4 F . 41.19 -13.63 27.90
O4 SO4 F . 43.41 -14.45 28.22
C1 6R0 G . 11.61 -20.80 7.60
C2 6R0 G . 11.27 -19.44 8.13
C3 6R0 G . 12.57 -18.94 8.75
C7 6R0 G . 12.67 -19.00 10.28
C8 6R0 G . 14.04 -19.70 12.24
C9 6R0 G . 13.59 -21.04 12.84
C10 6R0 G . 13.83 -21.09 14.34
C11 6R0 G . 13.16 -19.91 15.04
C12 6R0 G . 13.73 -18.60 14.52
C13 6R0 G . 13.52 -18.48 13.00
C14 6R0 G . 12.23 -19.63 17.32
C15 6R0 G . 10.16 -18.68 17.54
C16 6R0 G . 11.22 -19.27 19.43
C19 6R0 G . 12.64 -20.06 20.96
C20 6R0 G . 14.61 -20.89 19.54
C21 6R0 G . 14.55 -22.26 18.82
C22 6R0 G . 15.93 -22.85 18.70
C24 6R0 G . 15.39 -21.04 20.86
O 6R0 G . 10.81 -21.69 7.33
N1 6R0 G . 13.85 -19.73 10.77
C6 6R0 G . 15.03 -19.27 10.03
C5 6R0 G . 15.01 -19.77 8.59
C4 6R0 G . 13.64 -19.64 7.90
N 6R0 G . 12.93 -20.90 7.49
C 6R0 G . 13.62 -22.09 6.99
N2 6R0 G . 13.23 -20.01 16.49
C17 6R0 G . 12.35 -19.79 18.75
C18 6R0 G . 13.24 -20.30 19.76
N5 6R0 G . 11.42 -19.48 20.77
N4 6R0 G . 10.11 -18.74 18.87
N3 6R0 G . 11.14 -19.08 16.72
C23 6R0 G . 16.71 -21.73 20.61
O1 6R0 G . 16.54 -23.00 20.00
S SO4 H . -20.44 -6.35 -42.71
O1 SO4 H . -19.19 -6.14 -41.99
O2 SO4 H . -21.40 -7.11 -41.90
O3 SO4 H . -21.01 -5.05 -43.04
O4 SO4 H . -20.15 -7.11 -43.93
S SO4 I . -37.75 25.58 -26.81
O1 SO4 I . -36.56 25.44 -25.98
O2 SO4 I . -38.58 24.38 -26.71
O3 SO4 I . -38.52 26.75 -26.38
O4 SO4 I . -37.34 25.76 -28.21
C1 6R0 J . -21.82 -4.54 -11.77
C2 6R0 J . -20.56 -3.74 -11.89
C3 6R0 J . -21.04 -2.32 -12.19
C7 6R0 J . -21.20 -2.09 -13.70
C8 6R0 J . -22.10 -0.76 -15.49
C9 6R0 J . -21.61 0.56 -16.09
C10 6R0 J . -21.11 0.35 -17.53
C11 6R0 J . -22.18 -0.32 -18.39
C12 6R0 J . -22.59 -1.66 -17.81
C13 6R0 J . -23.11 -1.51 -16.38
C14 6R0 J . -20.72 -0.44 -20.56
C15 6R0 J . -18.52 -1.03 -20.72
C16 6R0 J . -19.54 -0.43 -22.63
C19 6R0 J . -20.99 0.22 -24.20
C20 6R0 J . -23.15 0.59 -22.85
C21 6R0 J . -24.05 -0.62 -22.53
C22 6R0 J . -25.49 -0.19 -22.41
C24 6R0 J . -23.72 1.36 -24.06
O 6R0 J . -21.94 -5.75 -11.91
N1 6R0 J . -22.03 -0.92 -14.03
C6 6R0 J . -23.36 -1.09 -13.42
C5 6R0 J . -23.29 -1.14 -11.89
C4 6R0 J . -22.37 -2.26 -11.41
N 6R0 J . -22.83 -3.70 -11.51
C 6R0 J . -24.21 -4.14 -11.30
N2 6R0 J . -21.85 -0.36 -19.81
C17 6R0 J . -20.79 -0.22 -22.00
C18 6R0 J . -21.71 0.21 -23.03
N5 6R0 J . -19.70 -0.13 -23.95
N4 6R0 J . -18.41 -0.87 -22.03
N3 6R0 J . -19.61 -0.88 -19.94
C23 6R0 J . -25.20 1.65 -23.85
O1 6R0 J . -25.94 0.45 -23.61
C1 6R0 K . -6.50 15.77 7.75
C2 6R0 K . -6.05 14.45 7.16
C3 6R0 K . -6.74 13.40 8.05
C7 6R0 K . -5.87 13.00 9.25
C8 6R0 K . -5.70 11.91 11.40
C9 6R0 K . -5.48 10.42 11.63
C10 6R0 K . -4.07 10.16 12.18
C11 6R0 K . -3.80 11.01 13.42
C12 6R0 K . -3.93 12.50 13.11
C13 6R0 K . -5.33 12.82 12.58
C14 6R0 K . -1.40 10.07 13.87
C15 6R0 K . 0.22 9.61 12.33
C16 6R0 K . 0.70 9.11 14.47
C19 6R0 K . 0.69 8.84 16.69
C20 6R0 K . -1.63 9.74 17.37
C21 6R0 K . -1.35 9.16 18.78
C22 6R0 K . -2.43 9.60 19.74
C24 6R0 K . -1.87 11.25 17.48
O 6R0 K . -5.93 16.84 7.62
N1 6R0 K . -6.62 12.32 10.31
C6 6R0 K . -7.70 13.22 10.78
C5 6R0 K . -8.72 13.50 9.67
C4 6R0 K . -8.05 14.11 8.44
N 6R0 K . -7.61 15.55 8.47
C 6R0 K . -8.33 16.62 9.17
N2 6R0 K . -2.59 10.64 14.14
C17 6R0 K . -0.54 9.60 14.95
C18 6R0 K . -0.52 9.41 16.40
N5 6R0 K . 1.41 8.66 15.54
N4 6R0 K . 1.13 9.14 13.19
N3 6R0 K . -0.99 10.08 12.58
C23 6R0 K . -2.91 11.54 18.53
O1 6R0 K . -2.53 11.03 19.80
S SO4 L . -1.78 26.38 -21.83
O1 SO4 L . -0.54 26.68 -21.12
O2 SO4 L . -2.70 25.68 -20.94
O3 SO4 L . -2.40 27.62 -22.29
O4 SO4 L . -1.48 25.53 -22.98
C1 6R0 M . 16.07 8.37 -4.31
C2 6R0 M . 14.75 7.71 -4.00
C3 6R0 M . 14.58 6.64 -5.07
C7 6R0 M . 13.53 6.86 -6.17
C8 6R0 M . 13.14 7.71 -8.45
C9 6R0 M . 12.11 6.75 -9.07
C10 6R0 M . 10.89 7.53 -9.60
C11 6R0 M . 11.30 8.66 -10.53
C12 6R0 M . 12.28 9.60 -9.85
C13 6R0 M . 13.54 8.85 -9.38
C14 6R0 M . 8.90 9.63 -10.95
C15 6R0 M . 7.22 9.86 -9.42
C16 6R0 M . 6.75 10.46 -11.53
C19 6R0 M . 6.81 10.88 -13.73
C20 6R0 M . 9.20 10.21 -14.38
C21 6R0 M . 10.30 11.27 -14.25
C22 6R0 M . 11.37 11.05 -15.30
C24 6R0 M . 8.72 10.13 -15.84
O 6R0 M . 16.45 9.45 -3.87
N1 6R0 M . 14.13 7.23 -7.47
C6 6R0 M . 14.98 6.12 -7.92
C5 6R0 M . 16.13 5.83 -6.97
C4 6R0 M . 16.01 6.32 -5.52
N 6R0 M . 16.74 7.58 -5.16
C 6R0 M . 18.07 7.90 -5.66
N2 6R0 M . 10.19 9.33 -11.21
C17 6R0 M . 8.05 10.15 -12.00
C18 6R0 M . 8.06 10.45 -13.42
N5 6R0 M . 6.03 10.91 -12.59
N4 6R0 M . 6.31 10.35 -10.26
N3 6R0 M . 8.49 9.51 -9.67
C23 6R0 M . 9.90 10.00 -16.79
O1 6R0 M . 10.82 11.08 -16.62
#